data_7E2Z
#
_entry.id   7E2Z
#
loop_
_entity.id
_entity.type
_entity.pdbx_description
1 polymer 'Guanine nucleotide-binding protein G(i) subunit alpha-1'
2 polymer 'Guanine nucleotide-binding protein G(I)/G(S)/G(T) subunit beta-1'
3 polymer 'Guanine nucleotide-binding protein G(I)/G(S)/G(O) subunit gamma-2'
4 polymer 'Soluble cytochrome b562,5-hydroxytryptamine receptor 1A'
5 non-polymer 7-[4-[4-[2,3-bis(chloranyl)phenyl]piperazin-1-yl]butoxy]-3,4-dihydro-1H-quinolin-2-one
6 non-polymer CHOLESTEROL
7 non-polymer '[(2R)-1-[oxidanyl-[(2R,3R,5S,6R)-2,3,5,6-tetrakis(oxidanyl)-4-phosphonooxy-cyclohexyl]oxy-phosphoryl]oxy-3-tetradecanoyloxy-propan-2-yl] (5E,8E)-hexadeca-5,8,11,14-tetraenoate'
#
loop_
_entity_poly.entity_id
_entity_poly.type
_entity_poly.pdbx_seq_one_letter_code
_entity_poly.pdbx_strand_id
1 'polypeptide(L)'
;MGCTLSAEDKAAVERSKMIDRNLREDGEKAAREVKLLLLGAGESGKNTIVKQMKIIHEAGYSEEECKQYKAVVYSNTIQS
IIAIIRAMGRLKIDFGDSARADDARQLFVLAGAAEEGFMTAELAGVIKRLWKDSGVQACFNRSREYQLNDSAAYYLNDLD
RIAQPNYIPTQQDVLRTRVKTTGIVETHFTFKDLHFKMFDVGAQRSERKKWIHCFEGVTAIIFCVALSDYDLVLAEDEEM
NRMHASMKLFDSICNNKWFTDTSIILFLNKKDLFEEKIKKSPLTICYPEYAGSNTYEEAAAYIQCQFEDLNKRKDTKEIY
THFTCSTDTKNVQFVFDAVTDVIIKNNLKDCGLF
;
A
2 'polypeptide(L)'
;MGSLLQSELDQLRQEAEQLKNQIRDARKACADATLSQITNNIDPVGRIQMRTRRTLRGHLAKIYAMHWGTDSRLLVSASQ
DGKLIIWDSYTTNKVHAIPLRSSWVMTCAYAPSGNYVACGGLDNICSIYNLKTREGNVRVSRELAGHTGYLSCCRFLDDN
QIVTSSGDTTCALWDIETGQQTTTFTGHTGDVMSLSLAPDTRLFVSGACDASAKLWDVREGMCRQTFTGHESDINAICFF
PNGNAFATGSDDATCRLFDLRADQELMTYSHDNIICGITSVSFSKSGRLLLAGYDDFNCNVWDALKADRAGVLAGHDNRV
SCLGVTDDGMAVATGSWDSFLKIWN
;
B
3 'polypeptide(L)' MASNNTASIAQARKLVEQLKMEANIDRIKVSKAAADLMAYCEAHAKEDPLLTPVPASENPFREKKFFCAIL G
4 'polypeptide(L)'
;DYKDDDDAKLQTMHHHHHHHHHHHHHHHADLEDNWETLNDNLKVIEKADNAAQVKDALTKMRAAALDAQKATPPKLEDKS
PDSPEMKDFRHGFDILVGQIDDALKLANEGKVKEAQAAAEQLKTTRNAYIQKYLASENLYFQGGTTTGISDVTVSYQVIT
SLLLGTLIFCAVLGNACVVAAIALERSLQNVANYLIGSLAVTDLMVSVLVLPMAALYQVLNKWTLGQVTCDLFIALDVLC
CTSSIWHLCAIALDRYWAITDPIDYVNKRTPRRAAALISLTWLIGFLISIPPMLGWRTPEDRSDPDACTISKDHGYTIYS
TFGAFYIPLLLMLVLYGRIFRAARFRIRKTVKKVEKTGADTRHGASPAPQPKKSVNGESGSRNWRLGVESKAGGALCANG
AVRQGDDGAALEVIEVHRVGNSKEHLPLPSEAGPTPCAPASFERKNERNAEAKRKMALARERKTVKTLGIIMGTFILCWL
PFFIVALVLPFCESSCHMPTLLGAIINWLGYSNSLLNPVIYAYFNKDFQNAFKKIIKCKFCRQ
;
R
#
# COMPACT_ATOMS: atom_id res chain seq x y z
N THR A 4 14.13 -1.98 36.39
CA THR A 4 14.26 -2.34 34.98
C THR A 4 14.44 -1.09 34.11
N LEU A 5 13.44 -0.21 34.16
CA LEU A 5 13.44 1.02 33.39
C LEU A 5 13.52 2.21 34.34
N SER A 6 14.39 3.18 34.00
CA SER A 6 14.54 4.37 34.82
C SER A 6 13.34 5.29 34.65
N ALA A 7 13.32 6.36 35.45
CA ALA A 7 12.22 7.32 35.38
C ALA A 7 12.17 7.99 34.02
N GLU A 8 13.32 8.39 33.47
CA GLU A 8 13.34 8.99 32.14
C GLU A 8 12.87 8.01 31.09
N ASP A 9 13.30 6.75 31.17
CA ASP A 9 12.87 5.74 30.22
C ASP A 9 11.36 5.51 30.30
N LYS A 10 10.81 5.44 31.52
CA LYS A 10 9.38 5.24 31.68
C LYS A 10 8.61 6.43 31.12
N ALA A 11 9.08 7.64 31.40
CA ALA A 11 8.40 8.84 30.87
C ALA A 11 8.43 8.84 29.35
N ALA A 12 9.56 8.46 28.76
CA ALA A 12 9.63 8.35 27.30
C ALA A 12 8.68 7.28 26.78
N VAL A 13 8.54 6.16 27.49
CA VAL A 13 7.62 5.12 27.06
C VAL A 13 6.18 5.63 27.05
N GLU A 14 5.78 6.33 28.13
CA GLU A 14 4.43 6.88 28.16
C GLU A 14 4.23 7.94 27.08
N ARG A 15 5.24 8.78 26.84
CA ARG A 15 5.12 9.78 25.78
C ARG A 15 4.95 9.13 24.42
N SER A 16 5.73 8.08 24.15
CA SER A 16 5.62 7.36 22.90
C SER A 16 4.25 6.70 22.75
N LYS A 17 3.73 6.12 23.84
CA LYS A 17 2.41 5.50 23.79
C LYS A 17 1.33 6.54 23.51
N MET A 18 1.41 7.70 24.15
CA MET A 18 0.44 8.76 23.90
C MET A 18 0.53 9.27 22.46
N ILE A 19 1.75 9.42 21.94
CA ILE A 19 1.93 9.86 20.56
C ILE A 19 1.34 8.84 19.60
N ASP A 20 1.57 7.55 19.86
CA ASP A 20 1.02 6.50 19.00
C ASP A 20 -0.50 6.49 19.05
N ARG A 21 -1.08 6.67 20.23
CA ARG A 21 -2.53 6.71 20.34
C ARG A 21 -3.12 7.90 19.58
N ASN A 22 -2.49 9.06 19.72
CA ASN A 22 -2.96 10.24 18.99
C ASN A 22 -2.84 10.05 17.49
N LEU A 23 -1.74 9.44 17.03
CA LEU A 23 -1.55 9.18 15.62
C LEU A 23 -2.61 8.20 15.10
N ARG A 24 -2.90 7.16 15.89
CA ARG A 24 -3.93 6.20 15.49
C ARG A 24 -5.30 6.88 15.39
N GLU A 25 -5.63 7.73 16.36
CA GLU A 25 -6.90 8.45 16.31
C GLU A 25 -6.97 9.37 15.09
N ASP A 26 -5.88 10.08 14.80
CA ASP A 26 -5.87 10.98 13.65
C ASP A 26 -6.00 10.20 12.35
N GLY A 27 -5.32 9.06 12.23
CA GLY A 27 -5.45 8.23 11.05
C GLY A 27 -6.84 7.67 10.87
N GLU A 28 -7.46 7.23 11.97
CA GLU A 28 -8.83 6.74 11.90
C GLU A 28 -9.79 7.84 11.46
N LYS A 29 -9.59 9.06 11.97
CA LYS A 29 -10.42 10.18 11.54
C LYS A 29 -10.22 10.51 10.07
N ALA A 30 -8.96 10.46 9.60
CA ALA A 30 -8.66 10.82 8.22
C ALA A 30 -9.06 9.73 7.23
N ALA A 31 -9.20 8.49 7.68
CA ALA A 31 -9.58 7.39 6.80
C ALA A 31 -11.03 7.43 6.38
N ARG A 32 -11.84 8.33 6.94
CA ARG A 32 -13.27 8.42 6.65
C ARG A 32 -13.57 9.47 5.59
N GLU A 33 -12.67 9.67 4.64
CA GLU A 33 -12.83 10.67 3.59
C GLU A 33 -12.59 10.03 2.23
N VAL A 34 -13.40 10.40 1.26
CA VAL A 34 -13.29 9.88 -0.10
C VAL A 34 -12.34 10.76 -0.89
N LYS A 35 -11.26 10.15 -1.39
CA LYS A 35 -10.22 10.88 -2.11
C LYS A 35 -10.44 10.78 -3.61
N LEU A 36 -10.38 11.92 -4.30
CA LEU A 36 -10.55 11.99 -5.73
C LEU A 36 -9.36 12.72 -6.35
N LEU A 37 -8.96 12.29 -7.54
CA LEU A 37 -7.86 12.92 -8.26
C LEU A 37 -8.38 13.57 -9.53
N LEU A 38 -8.10 14.86 -9.71
CA LEU A 38 -8.62 15.63 -10.82
C LEU A 38 -7.56 15.75 -11.90
N LEU A 39 -7.97 15.53 -13.15
CA LEU A 39 -7.07 15.60 -14.29
C LEU A 39 -7.81 16.16 -15.50
N GLY A 40 -7.05 16.69 -16.44
CA GLY A 40 -7.59 17.25 -17.66
C GLY A 40 -6.71 18.38 -18.19
N ALA A 41 -7.03 18.83 -19.39
CA ALA A 41 -6.31 19.95 -20.00
C ALA A 41 -6.65 21.25 -19.29
N GLY A 42 -5.70 22.18 -19.30
CA GLY A 42 -5.87 23.42 -18.57
C GLY A 42 -7.04 24.26 -19.06
N GLU A 43 -7.28 24.25 -20.37
CA GLU A 43 -8.34 25.04 -20.97
C GLU A 43 -9.66 24.26 -21.09
N SER A 44 -9.89 23.30 -20.20
CA SER A 44 -11.10 22.51 -20.21
C SER A 44 -12.15 23.02 -19.21
N GLY A 45 -11.97 24.22 -18.68
CA GLY A 45 -12.91 24.74 -17.70
C GLY A 45 -12.91 23.99 -16.39
N LYS A 46 -11.73 23.62 -15.88
CA LYS A 46 -11.65 22.93 -14.60
C LYS A 46 -12.16 23.80 -13.47
N ASN A 47 -11.81 25.10 -13.49
CA ASN A 47 -12.19 25.99 -12.40
C ASN A 47 -13.70 26.14 -12.28
N THR A 48 -14.42 26.04 -13.40
CA THR A 48 -15.87 26.17 -13.36
C THR A 48 -16.51 25.08 -12.51
N ILE A 49 -16.17 23.82 -12.81
CA ILE A 49 -16.73 22.72 -12.02
C ILE A 49 -16.14 22.74 -10.61
N VAL A 50 -14.89 23.20 -10.46
CA VAL A 50 -14.30 23.29 -9.12
C VAL A 50 -15.12 24.20 -8.23
N LYS A 51 -15.46 25.39 -8.74
CA LYS A 51 -16.26 26.32 -7.93
C LYS A 51 -17.71 25.87 -7.83
N GLN A 52 -18.19 25.10 -8.82
CA GLN A 52 -19.55 24.58 -8.72
C GLN A 52 -19.68 23.57 -7.59
N MET A 53 -18.76 22.62 -7.51
CA MET A 53 -18.84 21.62 -6.45
C MET A 53 -18.39 22.17 -5.09
N LYS A 54 -17.39 23.05 -5.08
CA LYS A 54 -16.89 23.54 -3.79
C LYS A 54 -17.87 24.49 -3.14
N ILE A 55 -18.80 25.05 -3.90
CA ILE A 55 -19.79 25.97 -3.35
C ILE A 55 -21.16 25.32 -3.33
N THR A 182 1.89 26.24 -4.25
CA THR A 182 1.32 26.49 -5.58
C THR A 182 1.33 25.22 -6.43
N GLY A 183 1.37 24.07 -5.76
CA GLY A 183 1.36 22.80 -6.45
C GLY A 183 0.04 22.07 -6.37
N ILE A 184 -0.06 21.10 -5.48
CA ILE A 184 -1.30 20.35 -5.31
C ILE A 184 -2.38 21.27 -4.74
N VAL A 185 -3.56 21.24 -5.34
CA VAL A 185 -4.70 22.01 -4.88
C VAL A 185 -5.67 21.05 -4.20
N GLU A 186 -5.92 21.27 -2.91
CA GLU A 186 -6.78 20.41 -2.12
C GLU A 186 -8.12 21.11 -1.87
N THR A 187 -9.21 20.44 -2.24
CA THR A 187 -10.55 20.97 -2.03
C THR A 187 -11.36 19.98 -1.21
N HIS A 188 -11.91 20.44 -0.09
CA HIS A 188 -12.70 19.60 0.81
C HIS A 188 -14.15 20.05 0.78
N PHE A 189 -15.07 19.11 0.56
CA PHE A 189 -16.48 19.45 0.56
C PHE A 189 -17.31 18.26 1.00
N THR A 190 -18.45 18.54 1.63
CA THR A 190 -19.34 17.52 2.14
C THR A 190 -20.65 17.54 1.37
N PHE A 191 -21.23 16.36 1.16
CA PHE A 191 -22.50 16.22 0.47
C PHE A 191 -23.17 14.93 0.95
N LYS A 192 -24.41 15.05 1.43
CA LYS A 192 -25.20 13.92 1.89
C LYS A 192 -24.43 13.08 2.91
N ASP A 193 -23.81 13.77 3.87
CA ASP A 193 -23.03 13.21 4.97
C ASP A 193 -21.76 12.51 4.51
N LEU A 194 -21.36 12.67 3.25
CA LEU A 194 -20.14 12.06 2.73
C LEU A 194 -19.12 13.15 2.42
N HIS A 195 -17.89 12.96 2.90
CA HIS A 195 -16.83 13.95 2.75
C HIS A 195 -15.92 13.58 1.59
N PHE A 196 -15.60 14.56 0.76
CA PHE A 196 -14.74 14.39 -0.40
C PHE A 196 -13.57 15.35 -0.34
N LYS A 197 -12.37 14.79 -0.52
CA LYS A 197 -11.15 15.55 -0.69
C LYS A 197 -10.66 15.35 -2.12
N MET A 198 -10.54 16.43 -2.87
CA MET A 198 -10.18 16.41 -4.28
C MET A 198 -8.81 17.06 -4.46
N PHE A 199 -7.92 16.34 -5.14
CA PHE A 199 -6.55 16.77 -5.35
C PHE A 199 -6.37 17.12 -6.83
N ASP A 200 -6.07 18.38 -7.11
CA ASP A 200 -5.83 18.86 -8.47
C ASP A 200 -4.31 19.01 -8.63
N VAL A 201 -3.76 18.31 -9.62
CA VAL A 201 -2.33 18.36 -9.89
C VAL A 201 -2.01 19.19 -11.13
N GLY A 202 -3.00 19.58 -11.92
CA GLY A 202 -2.78 20.32 -13.14
C GLY A 202 -2.17 21.69 -12.96
N ALA A 203 -2.15 22.21 -11.72
CA ALA A 203 -1.54 23.51 -11.47
C ALA A 203 -0.04 23.51 -11.71
N GLN A 204 0.60 22.33 -11.70
CA GLN A 204 2.02 22.21 -11.94
C GLN A 204 2.26 21.29 -13.15
N ARG A 205 3.31 21.60 -13.91
CA ARG A 205 3.68 20.82 -15.08
C ARG A 205 5.04 20.18 -14.84
N SER A 206 5.10 18.86 -14.94
CA SER A 206 6.33 18.10 -14.74
C SER A 206 6.15 16.73 -15.35
N GLU A 207 7.09 15.82 -15.07
CA GLU A 207 7.03 14.46 -15.57
C GLU A 207 5.98 13.68 -14.78
N ARG A 208 4.94 13.21 -15.47
CA ARG A 208 3.85 12.51 -14.79
C ARG A 208 4.33 11.20 -14.18
N LYS A 209 5.20 10.46 -14.89
CA LYS A 209 5.63 9.14 -14.45
C LYS A 209 6.55 9.16 -13.24
N LYS A 210 6.81 10.32 -12.64
CA LYS A 210 7.68 10.42 -11.48
C LYS A 210 6.95 10.75 -10.19
N TRP A 211 5.69 11.20 -10.26
CA TRP A 211 4.92 11.49 -9.06
C TRP A 211 3.49 10.96 -9.09
N ILE A 212 3.04 10.36 -10.19
CA ILE A 212 1.67 9.87 -10.26
C ILE A 212 1.46 8.69 -9.32
N HIS A 213 2.51 7.92 -9.05
CA HIS A 213 2.39 6.77 -8.17
C HIS A 213 2.02 7.17 -6.74
N CYS A 214 2.26 8.42 -6.36
CA CYS A 214 1.83 8.90 -5.05
C CYS A 214 0.32 8.92 -4.93
N PHE A 215 -0.39 9.01 -6.06
CA PHE A 215 -1.84 9.03 -6.05
C PHE A 215 -2.46 7.64 -6.16
N GLU A 216 -1.67 6.59 -6.00
CA GLU A 216 -2.21 5.24 -6.03
C GLU A 216 -3.16 5.01 -4.85
N GLY A 217 -4.31 4.41 -5.14
CA GLY A 217 -5.30 4.12 -4.13
C GLY A 217 -6.43 5.12 -4.03
N VAL A 218 -6.48 6.13 -4.90
CA VAL A 218 -7.57 7.09 -4.88
C VAL A 218 -8.86 6.40 -5.29
N THR A 219 -9.98 6.89 -4.74
CA THR A 219 -11.28 6.29 -5.03
C THR A 219 -11.64 6.44 -6.51
N ALA A 220 -11.42 7.62 -7.08
CA ALA A 220 -11.78 7.85 -8.47
C ALA A 220 -10.95 8.99 -9.04
N ILE A 221 -10.88 9.02 -10.37
CA ILE A 221 -10.21 10.08 -11.11
C ILE A 221 -11.24 10.81 -11.94
N ILE A 222 -11.44 12.09 -11.62
CA ILE A 222 -12.34 12.95 -12.38
C ILE A 222 -11.54 13.57 -13.53
N PHE A 223 -11.93 13.25 -14.76
CA PHE A 223 -11.28 13.73 -15.95
C PHE A 223 -12.16 14.79 -16.60
N CYS A 224 -11.54 15.87 -17.05
CA CYS A 224 -12.24 16.98 -17.68
C CYS A 224 -11.86 17.07 -19.15
N VAL A 225 -12.87 17.20 -20.01
CA VAL A 225 -12.65 17.34 -21.45
C VAL A 225 -13.52 18.46 -21.98
N ALA A 226 -12.93 19.34 -22.76
CA ALA A 226 -13.67 20.45 -23.39
C ALA A 226 -14.03 20.04 -24.82
N LEU A 227 -15.34 19.92 -25.07
CA LEU A 227 -15.80 19.57 -26.41
C LEU A 227 -15.47 20.67 -27.41
N SER A 228 -15.64 21.94 -27.02
CA SER A 228 -15.43 23.06 -27.93
C SER A 228 -14.00 23.14 -28.45
N ASP A 229 -13.05 22.49 -27.78
CA ASP A 229 -11.67 22.44 -28.22
C ASP A 229 -11.41 21.36 -29.27
N TYR A 230 -12.47 20.86 -29.91
CA TYR A 230 -12.29 19.83 -30.92
C TYR A 230 -11.56 20.35 -32.15
N ASP A 231 -11.77 21.63 -32.51
CA ASP A 231 -11.15 22.23 -33.68
C ASP A 231 -10.12 23.30 -33.33
N LEU A 232 -9.55 23.24 -32.14
CA LEU A 232 -8.49 24.15 -31.73
C LEU A 232 -7.14 23.44 -31.77
N VAL A 233 -6.16 24.06 -32.40
CA VAL A 233 -4.81 23.52 -32.49
C VAL A 233 -4.00 24.01 -31.30
N LEU A 234 -3.42 23.07 -30.56
CA LEU A 234 -2.63 23.42 -29.37
C LEU A 234 -1.30 24.02 -29.77
N ASN A 241 -6.25 20.16 -32.42
CA ASN A 241 -5.24 19.25 -31.90
C ASN A 241 -5.38 19.07 -30.39
N ARG A 242 -6.18 19.95 -29.77
CA ARG A 242 -6.40 19.85 -28.33
C ARG A 242 -7.14 18.57 -27.98
N MET A 243 -8.12 18.19 -28.80
CA MET A 243 -8.86 16.94 -28.55
C MET A 243 -7.94 15.73 -28.65
N HIS A 244 -7.02 15.74 -29.63
CA HIS A 244 -6.07 14.64 -29.75
C HIS A 244 -5.17 14.54 -28.52
N ALA A 245 -4.70 15.69 -28.02
CA ALA A 245 -3.88 15.69 -26.81
C ALA A 245 -4.67 15.18 -25.62
N SER A 246 -5.93 15.59 -25.50
CA SER A 246 -6.77 15.10 -24.41
C SER A 246 -6.97 13.59 -24.49
N MET A 247 -7.20 13.07 -25.69
CA MET A 247 -7.34 11.63 -25.86
C MET A 247 -6.05 10.90 -25.50
N LYS A 248 -4.90 11.45 -25.92
CA LYS A 248 -3.62 10.81 -25.57
C LYS A 248 -3.40 10.80 -24.07
N LEU A 249 -3.71 11.91 -23.39
CA LEU A 249 -3.55 11.96 -21.94
C LEU A 249 -4.49 11.00 -21.24
N PHE A 250 -5.74 10.91 -21.72
CA PHE A 250 -6.68 9.95 -21.16
C PHE A 250 -6.22 8.52 -21.36
N ASP A 251 -5.67 8.21 -22.53
CA ASP A 251 -5.14 6.88 -22.79
C ASP A 251 -3.98 6.58 -21.85
N SER A 252 -3.08 7.54 -21.64
CA SER A 252 -1.94 7.33 -20.77
C SER A 252 -2.39 7.09 -19.33
N ILE A 253 -3.35 7.90 -18.84
CA ILE A 253 -3.78 7.79 -17.46
C ILE A 253 -4.57 6.51 -17.23
N CYS A 254 -5.51 6.19 -18.13
CA CYS A 254 -6.41 5.08 -17.92
C CYS A 254 -5.66 3.74 -17.89
N ASN A 255 -4.70 3.57 -18.79
CA ASN A 255 -3.96 2.32 -18.90
C ASN A 255 -2.72 2.26 -18.01
N ASN A 256 -2.51 3.28 -17.16
CA ASN A 256 -1.38 3.26 -16.25
C ASN A 256 -1.53 2.11 -15.26
N LYS A 257 -0.40 1.50 -14.90
CA LYS A 257 -0.43 0.35 -13.99
C LYS A 257 -0.87 0.76 -12.59
N TRP A 258 -0.66 2.02 -12.22
CA TRP A 258 -1.03 2.48 -10.88
C TRP A 258 -2.54 2.65 -10.73
N PHE A 259 -3.27 2.82 -11.83
CA PHE A 259 -4.71 3.04 -11.79
C PHE A 259 -5.47 1.90 -12.46
N THR A 260 -5.02 0.65 -12.27
CA THR A 260 -5.72 -0.49 -12.85
C THR A 260 -7.12 -0.64 -12.28
N ASP A 261 -7.25 -0.51 -10.96
CA ASP A 261 -8.51 -0.68 -10.27
C ASP A 261 -9.20 0.64 -9.95
N THR A 262 -8.68 1.76 -10.44
CA THR A 262 -9.24 3.07 -10.15
C THR A 262 -10.25 3.47 -11.23
N SER A 263 -11.46 3.83 -10.80
CA SER A 263 -12.50 4.24 -11.72
C SER A 263 -12.25 5.65 -12.23
N ILE A 264 -12.81 5.94 -13.40
CA ILE A 264 -12.66 7.24 -14.04
C ILE A 264 -14.05 7.80 -14.31
N ILE A 265 -14.27 9.05 -13.90
CA ILE A 265 -15.51 9.78 -14.12
C ILE A 265 -15.20 10.90 -15.11
N LEU A 266 -15.82 10.84 -16.28
CA LEU A 266 -15.53 11.77 -17.37
C LEU A 266 -16.57 12.89 -17.38
N PHE A 267 -16.09 14.13 -17.53
CA PHE A 267 -16.94 15.30 -17.62
C PHE A 267 -16.66 16.01 -18.93
N LEU A 268 -17.72 16.44 -19.61
CA LEU A 268 -17.63 17.18 -20.86
C LEU A 268 -18.14 18.59 -20.61
N ASN A 269 -17.26 19.58 -20.76
CA ASN A 269 -17.57 20.96 -20.39
C ASN A 269 -17.87 21.80 -21.62
N LYS A 270 -18.61 22.89 -21.40
CA LYS A 270 -18.97 23.86 -22.43
C LYS A 270 -19.75 23.20 -23.57
N LYS A 271 -20.92 22.65 -23.22
CA LYS A 271 -21.76 22.02 -24.23
C LYS A 271 -22.51 23.05 -25.07
N ASP A 272 -22.91 24.19 -24.47
CA ASP A 272 -23.68 25.18 -25.21
C ASP A 272 -22.83 25.85 -26.28
N LEU A 273 -21.59 26.23 -25.94
CA LEU A 273 -20.72 26.84 -26.94
C LEU A 273 -20.33 25.81 -28.00
N PHE A 274 -20.20 24.54 -27.62
CA PHE A 274 -20.00 23.48 -28.61
C PHE A 274 -21.18 23.39 -29.56
N GLU A 275 -22.40 23.50 -29.04
CA GLU A 275 -23.59 23.48 -29.90
C GLU A 275 -23.59 24.66 -30.85
N GLU A 276 -23.17 25.83 -30.37
CA GLU A 276 -23.11 27.01 -31.23
C GLU A 276 -22.02 26.86 -32.29
N LYS A 277 -20.90 26.24 -31.93
CA LYS A 277 -19.77 26.12 -32.85
C LYS A 277 -20.03 25.06 -33.92
N ILE A 278 -20.70 23.97 -33.56
CA ILE A 278 -20.88 22.87 -34.50
C ILE A 278 -21.74 23.28 -35.69
N LYS A 279 -22.54 24.34 -35.54
CA LYS A 279 -23.30 24.88 -36.66
C LYS A 279 -22.41 25.57 -37.69
N LYS A 280 -21.13 25.78 -37.38
CA LYS A 280 -20.20 26.45 -38.27
C LYS A 280 -19.22 25.49 -38.94
N SER A 281 -18.73 24.47 -38.24
CA SER A 281 -17.77 23.54 -38.80
C SER A 281 -18.20 22.10 -38.53
N PRO A 282 -17.89 21.19 -39.44
CA PRO A 282 -18.26 19.79 -39.25
C PRO A 282 -17.25 19.06 -38.36
N LEU A 283 -17.57 17.78 -38.11
CA LEU A 283 -16.67 16.93 -37.32
C LEU A 283 -15.42 16.54 -38.08
N THR A 284 -15.42 16.66 -39.42
CA THR A 284 -14.32 16.14 -40.22
C THR A 284 -13.03 16.93 -40.03
N ILE A 285 -13.11 18.15 -39.49
CA ILE A 285 -11.90 18.94 -39.26
C ILE A 285 -11.03 18.29 -38.18
N CYS A 286 -11.65 17.52 -37.28
CA CYS A 286 -10.92 16.83 -36.23
C CYS A 286 -10.89 15.32 -36.43
N TYR A 287 -11.89 14.75 -37.09
CA TYR A 287 -11.98 13.30 -37.33
C TYR A 287 -12.15 13.07 -38.82
N PRO A 288 -11.05 13.05 -39.57
CA PRO A 288 -11.15 12.81 -41.02
C PRO A 288 -11.77 11.47 -41.38
N GLU A 289 -11.57 10.45 -40.55
CA GLU A 289 -12.07 9.12 -40.83
C GLU A 289 -13.47 8.88 -40.25
N TYR A 290 -14.23 9.95 -40.00
CA TYR A 290 -15.58 9.83 -39.46
C TYR A 290 -16.56 10.53 -40.39
N ALA A 291 -17.72 9.92 -40.60
CA ALA A 291 -18.79 10.49 -41.41
C ALA A 291 -20.10 10.38 -40.64
N GLY A 292 -20.86 11.46 -40.61
CA GLY A 292 -22.12 11.47 -39.91
C GLY A 292 -22.75 12.84 -39.95
N SER A 293 -23.89 12.95 -39.27
CA SER A 293 -24.62 14.20 -39.23
C SER A 293 -23.94 15.20 -38.30
N ASN A 294 -24.29 16.48 -38.47
CA ASN A 294 -23.75 17.56 -37.67
C ASN A 294 -24.67 17.93 -36.52
N THR A 295 -25.44 16.97 -36.01
CA THR A 295 -26.36 17.20 -34.91
C THR A 295 -25.67 16.93 -33.58
N TYR A 296 -26.00 17.76 -32.57
CA TYR A 296 -25.40 17.60 -31.26
C TYR A 296 -25.76 16.26 -30.64
N GLU A 297 -27.01 15.81 -30.82
CA GLU A 297 -27.45 14.55 -30.21
C GLU A 297 -26.63 13.36 -30.70
N GLU A 298 -26.09 13.44 -31.92
CA GLU A 298 -25.23 12.39 -32.46
C GLU A 298 -23.75 12.66 -32.24
N ALA A 299 -23.34 13.94 -32.35
CA ALA A 299 -21.93 14.28 -32.14
C ALA A 299 -21.49 13.99 -30.72
N ALA A 300 -22.32 14.34 -29.74
CA ALA A 300 -21.98 14.08 -28.34
C ALA A 300 -21.87 12.59 -28.08
N ALA A 301 -22.79 11.79 -28.63
CA ALA A 301 -22.72 10.35 -28.47
C ALA A 301 -21.47 9.78 -29.11
N TYR A 302 -21.11 10.28 -30.30
CA TYR A 302 -19.90 9.82 -30.96
C TYR A 302 -18.65 10.14 -30.13
N ILE A 303 -18.59 11.36 -29.58
CA ILE A 303 -17.44 11.73 -28.75
C ILE A 303 -17.37 10.86 -27.51
N GLN A 304 -18.52 10.62 -26.87
CA GLN A 304 -18.54 9.76 -25.68
C GLN A 304 -18.08 8.35 -26.00
N CYS A 305 -18.53 7.80 -27.13
CA CYS A 305 -18.11 6.46 -27.53
C CYS A 305 -16.61 6.41 -27.81
N GLN A 306 -16.09 7.43 -28.51
CA GLN A 306 -14.66 7.47 -28.79
C GLN A 306 -13.84 7.56 -27.52
N PHE A 307 -14.29 8.37 -26.55
CA PHE A 307 -13.55 8.48 -25.30
C PHE A 307 -13.65 7.20 -24.48
N GLU A 308 -14.79 6.52 -24.52
CA GLU A 308 -14.98 5.30 -23.74
C GLU A 308 -14.37 4.08 -24.41
N ASP A 309 -13.98 4.18 -25.68
CA ASP A 309 -13.35 3.06 -26.38
C ASP A 309 -11.85 2.98 -26.16
N LEU A 310 -11.27 3.91 -25.40
CA LEU A 310 -9.81 3.95 -25.23
C LEU A 310 -9.32 2.96 -24.19
N ASN A 311 -10.16 2.58 -23.22
CA ASN A 311 -9.72 1.72 -22.15
C ASN A 311 -9.56 0.29 -22.63
N LYS A 312 -8.50 -0.38 -22.16
CA LYS A 312 -8.24 -1.78 -22.51
C LYS A 312 -8.54 -2.73 -21.36
N ARG A 313 -9.14 -2.25 -20.28
CA ARG A 313 -9.45 -3.05 -19.10
C ARG A 313 -10.88 -2.80 -18.64
N LYS A 314 -11.82 -2.89 -19.59
CA LYS A 314 -13.22 -2.62 -19.29
C LYS A 314 -13.76 -3.55 -18.20
N ASP A 315 -13.23 -4.77 -18.10
CA ASP A 315 -13.66 -5.67 -17.04
C ASP A 315 -13.29 -5.15 -15.67
N THR A 316 -12.07 -4.62 -15.52
CA THR A 316 -11.60 -4.17 -14.22
C THR A 316 -12.21 -2.83 -13.81
N LYS A 317 -12.37 -1.91 -14.77
CA LYS A 317 -12.82 -0.56 -14.46
C LYS A 317 -13.92 -0.14 -15.42
N GLU A 318 -14.74 0.80 -14.96
CA GLU A 318 -15.81 1.37 -15.75
C GLU A 318 -15.68 2.88 -15.78
N ILE A 319 -16.09 3.47 -16.90
CA ILE A 319 -15.98 4.91 -17.13
C ILE A 319 -17.38 5.52 -17.09
N TYR A 320 -17.54 6.56 -16.27
CA TYR A 320 -18.80 7.28 -16.16
C TYR A 320 -18.69 8.62 -16.87
N THR A 321 -19.67 8.92 -17.72
CA THR A 321 -19.67 10.14 -18.51
C THR A 321 -20.90 10.98 -18.18
N HIS A 322 -20.68 12.27 -17.98
CA HIS A 322 -21.76 13.20 -17.67
C HIS A 322 -21.52 14.51 -18.40
N PHE A 323 -22.60 15.18 -18.76
CA PHE A 323 -22.55 16.46 -19.47
C PHE A 323 -22.82 17.57 -18.46
N THR A 324 -21.86 18.47 -18.30
CA THR A 324 -22.00 19.57 -17.36
C THR A 324 -23.07 20.55 -17.84
N CYS A 325 -23.89 21.02 -16.90
CA CYS A 325 -24.96 21.96 -17.19
C CYS A 325 -24.90 23.12 -16.20
N SER A 326 -25.77 24.10 -16.41
CA SER A 326 -25.82 25.26 -15.53
C SER A 326 -26.24 24.89 -14.11
N THR A 327 -27.00 23.80 -13.95
CA THR A 327 -27.41 23.35 -12.62
C THR A 327 -26.22 22.77 -11.88
N ASP A 328 -25.81 23.45 -10.80
CA ASP A 328 -24.62 23.03 -10.06
C ASP A 328 -24.85 21.70 -9.33
N THR A 329 -26.07 21.45 -8.86
CA THR A 329 -26.32 20.26 -8.06
C THR A 329 -26.27 18.99 -8.89
N LYS A 330 -26.45 19.09 -10.21
CA LYS A 330 -26.44 17.90 -11.05
C LYS A 330 -25.07 17.24 -11.05
N ASN A 331 -24.00 18.03 -11.18
CA ASN A 331 -22.66 17.47 -11.16
C ASN A 331 -22.34 16.82 -9.83
N VAL A 332 -22.72 17.47 -8.73
CA VAL A 332 -22.47 16.92 -7.40
C VAL A 332 -23.22 15.61 -7.21
N GLN A 333 -24.48 15.58 -7.65
CA GLN A 333 -25.27 14.35 -7.55
C GLN A 333 -24.65 13.22 -8.39
N PHE A 334 -24.18 13.55 -9.59
CA PHE A 334 -23.55 12.53 -10.43
C PHE A 334 -22.28 12.00 -9.79
N VAL A 335 -21.47 12.89 -9.21
CA VAL A 335 -20.24 12.46 -8.55
C VAL A 335 -20.56 11.56 -7.36
N PHE A 336 -21.57 11.95 -6.57
CA PHE A 336 -21.95 11.15 -5.42
C PHE A 336 -22.45 9.78 -5.84
N ASP A 337 -23.28 9.74 -6.89
CA ASP A 337 -23.79 8.46 -7.38
C ASP A 337 -22.66 7.57 -7.91
N ALA A 338 -21.72 8.15 -8.64
CA ALA A 338 -20.60 7.37 -9.15
C ALA A 338 -19.74 6.83 -8.01
N VAL A 339 -19.48 7.65 -6.99
CA VAL A 339 -18.68 7.19 -5.86
C VAL A 339 -19.41 6.07 -5.11
N THR A 340 -20.72 6.22 -4.91
CA THR A 340 -21.50 5.18 -4.25
C THR A 340 -21.48 3.89 -5.04
N ASP A 341 -21.63 3.98 -6.37
CA ASP A 341 -21.59 2.79 -7.21
C ASP A 341 -20.23 2.11 -7.14
N VAL A 342 -19.15 2.91 -7.16
CA VAL A 342 -17.81 2.35 -7.08
C VAL A 342 -17.61 1.62 -5.75
N ILE A 343 -18.05 2.25 -4.65
CA ILE A 343 -17.91 1.63 -3.33
C ILE A 343 -18.70 0.32 -3.26
N ILE A 344 -19.93 0.33 -3.78
CA ILE A 344 -20.77 -0.86 -3.73
C ILE A 344 -20.16 -1.98 -4.57
N LYS A 345 -19.63 -1.63 -5.76
CA LYS A 345 -18.99 -2.64 -6.60
C LYS A 345 -17.75 -3.22 -5.94
N ASN A 346 -16.95 -2.37 -5.28
CA ASN A 346 -15.78 -2.87 -4.56
C ASN A 346 -16.20 -3.80 -3.42
N ASN A 347 -17.26 -3.45 -2.68
CA ASN A 347 -17.74 -4.30 -1.61
C ASN A 347 -18.22 -5.65 -2.16
N LEU A 348 -18.94 -5.62 -3.29
CA LEU A 348 -19.41 -6.86 -3.89
C LEU A 348 -18.24 -7.72 -4.38
N LYS A 349 -17.21 -7.09 -4.95
CA LYS A 349 -16.03 -7.84 -5.36
C LYS A 349 -15.32 -8.46 -4.15
N ASP A 350 -15.25 -7.72 -3.04
CA ASP A 350 -14.67 -8.27 -1.82
C ASP A 350 -15.48 -9.47 -1.32
N CYS A 351 -16.81 -9.37 -1.38
CA CYS A 351 -17.67 -10.48 -1.01
C CYS A 351 -17.65 -11.61 -2.02
N GLY A 352 -17.06 -11.39 -3.20
CA GLY A 352 -16.97 -12.43 -4.21
C GLY A 352 -18.17 -12.57 -5.11
N LEU A 353 -19.14 -11.66 -5.03
CA LEU A 353 -20.33 -11.75 -5.87
C LEU A 353 -20.07 -11.13 -7.25
N PHE A 354 -19.64 -9.88 -7.28
CA PHE A 354 -19.38 -9.19 -8.53
C PHE A 354 -18.05 -9.66 -9.12
N GLN B 18 32.34 20.17 -31.06
CA GLN B 18 33.80 20.15 -31.01
C GLN B 18 34.30 20.06 -29.58
N LEU B 19 33.79 20.95 -28.72
CA LEU B 19 34.18 20.95 -27.32
C LEU B 19 33.75 19.66 -26.62
N LYS B 20 32.52 19.20 -26.89
CA LYS B 20 32.07 17.94 -26.32
C LYS B 20 32.91 16.78 -26.86
N ASN B 21 33.21 16.79 -28.15
CA ASN B 21 34.07 15.76 -28.73
C ASN B 21 35.47 15.80 -28.11
N GLN B 22 35.99 17.01 -27.89
CA GLN B 22 37.30 17.14 -27.25
C GLN B 22 37.30 16.56 -25.84
N ILE B 23 36.24 16.86 -25.07
CA ILE B 23 36.14 16.32 -23.71
C ILE B 23 36.03 14.80 -23.74
N ARG B 24 35.23 14.27 -24.67
CA ARG B 24 35.09 12.82 -24.78
C ARG B 24 36.43 12.17 -25.14
N ASP B 25 37.16 12.76 -26.07
CA ASP B 25 38.47 12.22 -26.44
C ASP B 25 39.44 12.28 -25.28
N ALA B 26 39.43 13.39 -24.52
CA ALA B 26 40.32 13.52 -23.39
C ALA B 26 40.01 12.48 -22.31
N ARG B 27 38.72 12.26 -22.03
CA ARG B 27 38.37 11.29 -20.99
C ARG B 27 38.59 9.85 -21.45
N LYS B 28 38.44 9.58 -22.75
CA LYS B 28 38.65 8.23 -23.26
C LYS B 28 40.13 7.88 -23.38
N ALA B 29 40.96 8.84 -23.77
CA ALA B 29 42.37 8.56 -24.02
C ALA B 29 43.13 8.17 -22.75
N CYS B 30 42.61 8.52 -21.58
CA CYS B 30 43.27 8.20 -20.32
C CYS B 30 42.85 6.85 -19.75
N ALA B 31 42.01 6.10 -20.46
CA ALA B 31 41.51 4.81 -19.98
C ALA B 31 42.21 3.70 -20.76
N ASP B 32 43.14 3.01 -20.09
CA ASP B 32 43.79 1.84 -20.66
C ASP B 32 43.69 0.67 -19.68
N ALA B 33 43.67 0.99 -18.39
CA ALA B 33 43.52 0.00 -17.33
C ALA B 33 42.35 0.41 -16.43
N THR B 34 41.43 -0.51 -16.20
CA THR B 34 40.26 -0.26 -15.37
C THR B 34 40.49 -0.84 -13.98
N LEU B 35 39.94 -0.15 -12.97
CA LEU B 35 40.12 -0.57 -11.59
C LEU B 35 39.59 -1.98 -11.34
N SER B 36 38.63 -2.42 -12.15
CA SER B 36 38.03 -3.74 -11.96
C SER B 36 39.08 -4.85 -12.09
N GLN B 37 40.02 -4.69 -13.01
CA GLN B 37 41.04 -5.73 -13.19
C GLN B 37 42.08 -5.69 -12.07
N ILE B 38 42.38 -4.51 -11.54
CA ILE B 38 43.30 -4.44 -10.40
C ILE B 38 42.65 -5.02 -9.15
N THR B 39 41.33 -4.91 -9.03
CA THR B 39 40.63 -5.46 -7.87
C THR B 39 40.68 -6.98 -7.82
N ASN B 40 41.11 -7.64 -8.89
CA ASN B 40 41.19 -9.10 -8.88
C ASN B 40 42.12 -9.60 -7.78
N ASN B 41 43.24 -8.92 -7.56
CA ASN B 41 44.16 -9.30 -6.50
C ASN B 41 43.56 -9.07 -5.11
N ILE B 42 42.56 -8.19 -4.98
CA ILE B 42 41.94 -7.91 -3.70
C ILE B 42 41.04 -9.08 -3.33
N ASP B 43 41.16 -9.55 -2.09
CA ASP B 43 40.36 -10.67 -1.63
C ASP B 43 38.88 -10.29 -1.55
N PRO B 44 37.98 -11.23 -1.78
CA PRO B 44 36.54 -10.93 -1.68
C PRO B 44 36.12 -10.69 -0.25
N VAL B 45 35.03 -9.91 -0.12
CA VAL B 45 34.50 -9.60 1.21
C VAL B 45 33.70 -10.76 1.79
N GLY B 46 33.15 -11.63 0.94
CA GLY B 46 32.34 -12.74 1.42
C GLY B 46 30.90 -12.36 1.65
N ARG B 47 30.15 -13.31 2.21
CA ARG B 47 28.74 -13.11 2.48
C ARG B 47 28.56 -12.39 3.81
N ILE B 48 27.91 -11.24 3.79
CA ILE B 48 27.65 -10.46 4.99
C ILE B 48 26.19 -10.74 5.35
N GLN B 49 25.99 -11.64 6.31
CA GLN B 49 24.64 -11.99 6.76
C GLN B 49 24.17 -10.96 7.79
N MET B 50 22.99 -10.39 7.55
CA MET B 50 22.42 -9.38 8.43
C MET B 50 21.00 -9.78 8.80
N ARG B 51 20.58 -9.34 10.00
CA ARG B 51 19.26 -9.64 10.51
C ARG B 51 18.63 -8.36 11.06
N THR B 52 17.30 -8.32 11.05
CA THR B 52 16.57 -7.15 11.51
C THR B 52 16.73 -7.00 13.02
N ARG B 53 17.35 -5.92 13.46
CA ARG B 53 17.52 -5.65 14.88
C ARG B 53 16.31 -4.94 15.49
N ARG B 54 15.78 -3.94 14.79
CA ARG B 54 14.62 -3.20 15.27
C ARG B 54 13.63 -3.04 14.12
N THR B 55 12.34 -3.00 14.47
CA THR B 55 11.26 -2.85 13.51
C THR B 55 10.43 -1.63 13.93
N LEU B 56 10.74 -0.49 13.35
CA LEU B 56 10.00 0.74 13.62
C LEU B 56 8.69 0.73 12.86
N ARG B 57 7.58 0.88 13.58
CA ARG B 57 6.24 0.85 13.00
C ARG B 57 5.42 1.99 13.59
N GLY B 58 4.34 2.33 12.88
CA GLY B 58 3.47 3.41 13.30
C GLY B 58 2.93 4.21 12.14
N HIS B 59 3.61 4.13 10.99
CA HIS B 59 3.15 4.81 9.79
C HIS B 59 1.91 4.10 9.24
N LEU B 60 0.90 4.89 8.87
CA LEU B 60 -0.33 4.37 8.29
C LEU B 60 -0.37 4.52 6.78
N ALA B 61 0.74 4.93 6.16
CA ALA B 61 0.80 5.10 4.72
C ALA B 61 2.23 4.87 4.26
N LYS B 62 2.41 4.85 2.94
CA LYS B 62 3.72 4.63 2.37
C LYS B 62 4.67 5.76 2.74
N ILE B 63 5.92 5.41 3.06
CA ILE B 63 6.95 6.38 3.38
C ILE B 63 7.79 6.62 2.14
N TYR B 64 8.43 7.79 2.08
CA TYR B 64 9.15 8.18 0.87
C TYR B 64 10.60 8.58 1.12
N ALA B 65 10.96 9.00 2.34
CA ALA B 65 12.33 9.39 2.61
C ALA B 65 12.61 9.30 4.10
N MET B 66 13.90 9.31 4.45
CA MET B 66 14.35 9.27 5.83
C MET B 66 15.74 9.86 5.90
N HIS B 67 16.15 10.22 7.12
CA HIS B 67 17.50 10.72 7.36
C HIS B 67 18.00 10.18 8.69
N TRP B 68 19.31 10.11 8.81
CA TRP B 68 19.98 9.64 10.02
C TRP B 68 20.67 10.80 10.71
N GLY B 69 20.54 10.85 12.04
CA GLY B 69 21.18 11.90 12.81
C GLY B 69 22.69 11.71 12.95
N THR B 70 23.37 12.82 13.26
CA THR B 70 24.81 12.76 13.46
C THR B 70 25.20 11.96 14.69
N ASP B 71 24.31 11.83 15.67
CA ASP B 71 24.57 11.03 16.86
C ASP B 71 24.31 9.55 16.66
N SER B 72 23.80 9.15 15.49
CA SER B 72 23.50 7.75 15.15
C SER B 72 22.51 7.13 16.12
N ARG B 73 21.65 7.94 16.73
CA ARG B 73 20.65 7.46 17.68
C ARG B 73 19.23 7.81 17.29
N LEU B 74 19.01 9.01 16.75
CA LEU B 74 17.68 9.47 16.38
C LEU B 74 17.56 9.54 14.86
N LEU B 75 16.41 9.12 14.33
CA LEU B 75 16.16 9.17 12.90
C LEU B 75 14.79 9.79 12.65
N VAL B 76 14.61 10.36 11.47
CA VAL B 76 13.37 11.04 11.10
C VAL B 76 12.91 10.50 9.75
N SER B 77 11.60 10.32 9.59
CA SER B 77 11.05 9.78 8.36
C SER B 77 9.82 10.57 7.94
N ALA B 78 9.56 10.57 6.63
CA ALA B 78 8.41 11.23 6.04
C ALA B 78 7.58 10.23 5.24
N SER B 79 6.26 10.31 5.40
CA SER B 79 5.35 9.36 4.77
C SER B 79 4.16 10.11 4.20
N GLN B 80 3.30 9.34 3.50
CA GLN B 80 2.18 9.92 2.78
C GLN B 80 1.02 10.35 3.69
N ASP B 81 0.95 9.81 4.91
CA ASP B 81 -0.16 10.17 5.80
C ASP B 81 -0.05 11.59 6.34
N GLY B 82 1.08 12.26 6.13
CA GLY B 82 1.25 13.62 6.59
C GLY B 82 1.88 13.76 7.95
N LYS B 83 2.51 12.72 8.48
CA LYS B 83 3.16 12.75 9.79
C LYS B 83 4.66 12.60 9.62
N LEU B 84 5.41 13.52 10.21
CA LEU B 84 6.87 13.46 10.25
C LEU B 84 7.26 12.92 11.62
N ILE B 85 7.79 11.70 11.65
CA ILE B 85 8.03 11.00 12.92
C ILE B 85 9.52 10.83 13.13
N ILE B 86 9.94 11.08 14.37
CA ILE B 86 11.31 10.87 14.81
C ILE B 86 11.33 9.71 15.79
N TRP B 87 12.13 8.68 15.47
CA TRP B 87 12.30 7.52 16.33
C TRP B 87 13.67 7.51 16.98
N ASP B 88 13.71 7.02 18.21
CA ASP B 88 14.95 6.68 18.90
C ASP B 88 15.26 5.24 18.54
N SER B 89 16.29 5.03 17.71
CA SER B 89 16.58 3.70 17.19
C SER B 89 16.98 2.73 18.29
N TYR B 90 17.55 3.24 19.39
CA TYR B 90 17.97 2.36 20.47
C TYR B 90 16.81 1.72 21.21
N THR B 91 15.71 2.44 21.40
CA THR B 91 14.59 1.92 22.17
C THR B 91 13.26 1.92 21.43
N THR B 92 13.23 2.26 20.14
CA THR B 92 12.07 2.20 19.25
C THR B 92 11.02 3.25 19.62
N ASN B 93 11.17 3.95 20.76
CA ASN B 93 10.16 4.90 21.19
C ASN B 93 10.11 6.10 20.25
N LYS B 94 8.91 6.64 20.05
CA LYS B 94 8.69 7.79 19.20
C LYS B 94 8.93 9.05 20.01
N VAL B 95 9.90 9.86 19.58
CA VAL B 95 10.24 11.08 20.31
C VAL B 95 9.32 12.23 19.91
N HIS B 96 9.22 12.50 18.61
CA HIS B 96 8.44 13.63 18.12
C HIS B 96 7.59 13.20 16.94
N ALA B 97 6.37 13.75 16.86
CA ALA B 97 5.46 13.56 15.74
C ALA B 97 4.95 14.93 15.31
N ILE B 98 5.25 15.31 14.08
CA ILE B 98 4.90 16.62 13.54
C ILE B 98 3.79 16.43 12.51
N PRO B 99 2.63 17.06 12.68
CA PRO B 99 1.58 17.00 11.65
C PRO B 99 1.87 18.03 10.56
N LEU B 100 1.91 17.57 9.32
CA LEU B 100 2.30 18.39 8.19
C LEU B 100 1.07 18.97 7.49
N ARG B 101 1.20 20.21 7.03
CA ARG B 101 0.11 20.86 6.32
C ARG B 101 -0.23 20.12 5.02
N SER B 102 0.79 19.69 4.29
CA SER B 102 0.63 18.93 3.06
C SER B 102 1.04 17.48 3.31
N SER B 103 0.18 16.55 2.92
CA SER B 103 0.43 15.12 3.11
C SER B 103 1.18 14.50 1.94
N TRP B 104 1.53 15.28 0.92
CA TRP B 104 2.22 14.76 -0.26
C TRP B 104 3.73 14.92 -0.15
N VAL B 105 4.27 14.85 1.06
CA VAL B 105 5.71 14.99 1.25
C VAL B 105 6.42 13.77 0.72
N MET B 106 7.55 13.99 0.05
CA MET B 106 8.37 12.92 -0.50
C MET B 106 9.82 12.98 -0.02
N THR B 107 10.16 13.94 0.83
CA THR B 107 11.54 14.09 1.30
C THR B 107 11.55 14.64 2.72
N CYS B 108 12.67 14.42 3.39
CA CYS B 108 12.93 15.01 4.69
C CYS B 108 14.43 15.08 4.91
N ALA B 109 14.84 15.96 5.82
CA ALA B 109 16.25 16.14 6.13
C ALA B 109 16.40 16.46 7.61
N TYR B 110 17.57 16.16 8.15
CA TYR B 110 17.87 16.37 9.56
C TYR B 110 19.13 17.22 9.67
N ALA B 111 19.04 18.30 10.44
CA ALA B 111 20.16 19.22 10.56
C ALA B 111 21.33 18.56 11.28
N PRO B 112 22.57 18.92 10.92
CA PRO B 112 23.72 18.34 11.63
C PRO B 112 23.71 18.62 13.12
N SER B 113 23.24 19.80 13.54
CA SER B 113 23.13 20.12 14.95
C SER B 113 21.86 19.58 15.58
N GLY B 114 20.89 19.15 14.78
CA GLY B 114 19.66 18.59 15.29
C GLY B 114 18.62 19.60 15.72
N ASN B 115 18.87 20.89 15.55
CA ASN B 115 17.92 21.91 15.98
C ASN B 115 16.73 22.03 15.04
N TYR B 116 16.94 21.82 13.75
CA TYR B 116 15.91 22.03 12.74
C TYR B 116 15.70 20.76 11.94
N VAL B 117 14.49 20.60 11.41
CA VAL B 117 14.15 19.49 10.54
C VAL B 117 13.37 20.01 9.33
N ALA B 118 13.79 19.62 8.13
CA ALA B 118 13.17 20.12 6.91
C ALA B 118 12.45 18.98 6.21
N CYS B 119 11.31 19.30 5.61
CA CYS B 119 10.55 18.29 4.88
C CYS B 119 9.71 18.98 3.80
N GLY B 120 9.52 18.28 2.69
CA GLY B 120 8.75 18.83 1.58
C GLY B 120 8.31 17.73 0.64
N GLY B 121 7.67 18.16 -0.44
CA GLY B 121 7.12 17.21 -1.40
C GLY B 121 6.60 17.83 -2.67
N LEU B 122 5.40 17.41 -3.11
CA LEU B 122 4.83 17.94 -4.33
C LEU B 122 4.61 19.45 -4.25
N ASP B 123 4.24 19.94 -3.08
CA ASP B 123 4.15 21.38 -2.87
C ASP B 123 5.53 22.01 -2.99
N ASN B 124 5.54 23.26 -3.47
CA ASN B 124 6.78 23.95 -3.80
C ASN B 124 7.54 24.46 -2.58
N ILE B 125 7.14 24.04 -1.38
CA ILE B 125 7.77 24.49 -0.14
C ILE B 125 8.16 23.28 0.68
N CYS B 126 9.42 23.22 1.10
CA CYS B 126 9.86 22.22 2.08
C CYS B 126 10.10 22.98 3.39
N SER B 127 9.09 22.95 4.25
CA SER B 127 9.12 23.72 5.48
C SER B 127 10.20 23.19 6.43
N ILE B 128 10.77 24.11 7.19
CA ILE B 128 11.76 23.82 8.23
C ILE B 128 11.11 24.11 9.58
N TYR B 129 11.11 23.10 10.45
CA TYR B 129 10.52 23.18 11.78
C TYR B 129 11.63 23.18 12.82
N ASN B 130 11.39 23.90 13.92
CA ASN B 130 12.33 24.01 15.02
C ASN B 130 11.96 22.99 16.09
N LEU B 131 12.95 22.20 16.52
CA LEU B 131 12.73 21.21 17.56
C LEU B 131 13.06 21.73 18.96
N LYS B 132 13.85 22.78 19.08
CA LYS B 132 14.24 23.34 20.37
C LYS B 132 13.44 24.63 20.58
N THR B 133 12.36 24.53 21.35
CA THR B 133 11.50 25.66 21.65
C THR B 133 11.31 25.77 23.16
N ARG B 134 11.08 27.00 23.62
CA ARG B 134 10.85 27.24 25.04
C ARG B 134 9.56 26.58 25.53
N GLU B 135 8.57 26.44 24.64
CA GLU B 135 7.31 25.81 24.99
C GLU B 135 7.41 24.28 25.05
N GLY B 136 8.49 23.70 24.56
CA GLY B 136 8.63 22.25 24.57
C GLY B 136 7.84 21.53 23.51
N ASN B 137 7.35 22.22 22.50
CA ASN B 137 6.57 21.63 21.42
C ASN B 137 7.12 22.08 20.08
N VAL B 138 6.96 21.22 19.08
CA VAL B 138 7.45 21.54 17.74
C VAL B 138 6.58 22.61 17.11
N ARG B 139 7.20 23.41 16.24
CA ARG B 139 6.50 24.47 15.54
C ARG B 139 7.21 24.74 14.23
N VAL B 140 6.50 25.37 13.30
CA VAL B 140 7.06 25.72 12.01
C VAL B 140 8.00 26.92 12.18
N SER B 141 9.18 26.83 11.58
CA SER B 141 10.17 27.90 11.70
C SER B 141 10.27 28.72 10.42
N ARG B 142 10.25 28.08 9.26
CA ARG B 142 10.43 28.80 8.01
C ARG B 142 9.76 28.04 6.87
N GLU B 143 9.17 28.79 5.94
CA GLU B 143 8.61 28.24 4.71
C GLU B 143 9.36 28.84 3.53
N LEU B 144 9.88 27.99 2.65
CA LEU B 144 10.70 28.42 1.53
C LEU B 144 9.90 28.31 0.24
N ALA B 145 9.22 29.40 -0.10
CA ALA B 145 8.46 29.48 -1.34
C ALA B 145 9.31 30.08 -2.46
N GLY B 146 8.93 29.77 -3.69
CA GLY B 146 9.62 30.31 -4.85
C GLY B 146 9.81 29.32 -5.98
N HIS B 147 9.86 28.04 -5.65
CA HIS B 147 10.04 27.02 -6.68
C HIS B 147 8.77 26.85 -7.51
N THR B 148 8.95 26.39 -8.74
CA THR B 148 7.85 26.17 -9.67
C THR B 148 7.70 24.69 -10.03
N GLY B 149 8.11 23.81 -9.12
CA GLY B 149 8.00 22.39 -9.34
C GLY B 149 8.11 21.64 -8.04
N TYR B 150 7.80 20.35 -8.09
CA TYR B 150 7.86 19.51 -6.90
C TYR B 150 9.30 19.38 -6.42
N LEU B 151 9.48 19.44 -5.09
CA LEU B 151 10.81 19.38 -4.50
C LEU B 151 11.20 17.93 -4.28
N SER B 152 12.23 17.48 -4.99
CA SER B 152 12.68 16.10 -4.84
C SER B 152 13.30 15.87 -3.47
N CYS B 153 14.21 16.77 -3.06
CA CYS B 153 14.85 16.67 -1.75
C CYS B 153 15.60 17.96 -1.43
N CYS B 154 15.42 18.48 -0.21
CA CYS B 154 16.18 19.62 0.27
C CYS B 154 16.96 19.18 1.51
N ARG B 155 18.28 19.35 1.46
CA ARG B 155 19.17 18.86 2.51
C ARG B 155 19.82 20.03 3.23
N PHE B 156 20.00 19.88 4.54
CA PHE B 156 20.61 20.93 5.35
C PHE B 156 22.08 21.07 4.99
N LEU B 157 22.53 22.31 4.82
CA LEU B 157 23.95 22.61 4.70
C LEU B 157 24.55 23.13 6.00
N ASP B 158 23.79 23.90 6.75
CA ASP B 158 24.20 24.42 8.05
C ASP B 158 22.94 24.79 8.83
N ASP B 159 23.11 25.44 9.97
CA ASP B 159 21.97 25.87 10.77
C ASP B 159 21.22 27.05 10.15
N ASN B 160 21.78 27.69 9.12
CA ASN B 160 21.14 28.83 8.50
C ASN B 160 21.11 28.76 6.97
N GLN B 161 21.68 27.73 6.36
CA GLN B 161 21.70 27.58 4.91
C GLN B 161 21.18 26.20 4.54
N ILE B 162 20.48 26.11 3.41
CA ILE B 162 19.90 24.85 2.98
C ILE B 162 19.95 24.77 1.47
N VAL B 163 20.26 23.58 0.94
CA VAL B 163 20.27 23.33 -0.49
C VAL B 163 19.02 22.52 -0.84
N THR B 164 18.33 22.95 -1.89
CA THR B 164 17.06 22.36 -2.29
C THR B 164 17.11 21.99 -3.77
N SER B 165 16.65 20.78 -4.06
CA SER B 165 16.52 20.29 -5.43
C SER B 165 15.05 20.19 -5.78
N SER B 166 14.65 20.84 -6.88
CA SER B 166 13.25 20.92 -7.28
C SER B 166 13.06 20.27 -8.64
N GLY B 167 11.78 20.05 -8.98
CA GLY B 167 11.43 19.46 -10.26
C GLY B 167 11.41 20.43 -11.43
N ASP B 168 11.71 21.71 -11.18
CA ASP B 168 11.78 22.70 -12.24
C ASP B 168 13.16 22.78 -12.89
N THR B 169 13.93 21.69 -12.84
CA THR B 169 15.25 21.58 -13.46
C THR B 169 16.25 22.57 -12.89
N THR B 170 15.99 23.13 -11.71
CA THR B 170 16.89 24.08 -11.07
C THR B 170 17.06 23.72 -9.61
N CYS B 171 18.23 24.03 -9.05
CA CYS B 171 18.52 23.86 -7.64
C CYS B 171 18.71 25.23 -7.01
N ALA B 172 18.48 25.33 -5.70
CA ALA B 172 18.56 26.62 -5.04
C ALA B 172 19.15 26.48 -3.65
N LEU B 173 20.08 27.38 -3.34
CA LEU B 173 20.64 27.52 -2.00
C LEU B 173 19.97 28.70 -1.31
N TRP B 174 19.32 28.43 -0.19
CA TRP B 174 18.52 29.41 0.54
C TRP B 174 19.15 29.71 1.89
N ASP B 175 19.01 30.95 2.33
CA ASP B 175 19.34 31.34 3.69
C ASP B 175 18.08 31.23 4.54
N ILE B 176 18.17 30.44 5.62
CA ILE B 176 16.99 30.16 6.43
C ILE B 176 16.48 31.43 7.10
N GLU B 177 17.40 32.25 7.63
CA GLU B 177 16.99 33.45 8.36
C GLU B 177 16.27 34.43 7.46
N THR B 178 16.75 34.64 6.24
CA THR B 178 16.14 35.60 5.33
C THR B 178 15.01 35.01 4.51
N GLY B 179 15.05 33.70 4.25
CA GLY B 179 14.01 33.06 3.47
C GLY B 179 14.11 33.24 1.98
N GLN B 180 15.17 33.90 1.49
CA GLN B 180 15.37 34.12 0.06
C GLN B 180 16.50 33.23 -0.43
N GLN B 181 16.34 32.71 -1.65
CA GLN B 181 17.35 31.84 -2.24
C GLN B 181 18.59 32.66 -2.56
N THR B 182 19.71 32.32 -1.91
CA THR B 182 20.95 33.07 -2.13
C THR B 182 21.59 32.69 -3.46
N THR B 183 21.48 31.42 -3.86
CA THR B 183 22.17 30.94 -5.06
C THR B 183 21.20 30.11 -5.89
N THR B 184 21.34 30.18 -7.20
CA THR B 184 20.52 29.41 -8.13
C THR B 184 21.41 28.65 -9.10
N PHE B 185 21.15 27.36 -9.25
CA PHE B 185 21.88 26.50 -10.17
C PHE B 185 20.94 26.04 -11.28
N THR B 186 21.31 26.34 -12.53
CA THR B 186 20.52 25.97 -13.69
C THR B 186 21.43 25.30 -14.72
N GLY B 187 20.82 24.51 -15.60
CA GLY B 187 21.56 23.83 -16.63
C GLY B 187 21.05 22.43 -16.94
N HIS B 188 20.40 21.80 -15.97
CA HIS B 188 19.80 20.50 -16.20
C HIS B 188 18.57 20.64 -17.10
N THR B 189 18.47 19.75 -18.09
CA THR B 189 17.31 19.73 -18.97
C THR B 189 16.12 19.03 -18.33
N GLY B 190 16.36 17.90 -17.64
CA GLY B 190 15.31 17.22 -16.93
C GLY B 190 15.24 17.58 -15.46
N ASP B 191 14.13 17.21 -14.83
CA ASP B 191 13.96 17.49 -13.41
C ASP B 191 14.97 16.72 -12.57
N VAL B 192 15.51 17.39 -11.56
CA VAL B 192 16.53 16.79 -10.71
C VAL B 192 15.83 16.00 -9.61
N MET B 193 16.07 14.69 -9.58
CA MET B 193 15.41 13.80 -8.64
C MET B 193 16.28 13.38 -7.47
N SER B 194 17.53 13.85 -7.41
CA SER B 194 18.42 13.43 -6.35
C SER B 194 19.43 14.53 -6.06
N LEU B 195 20.00 14.49 -4.86
CA LEU B 195 20.99 15.46 -4.41
C LEU B 195 21.75 14.92 -3.20
N SER B 196 23.08 14.93 -3.26
CA SER B 196 23.91 14.47 -2.17
C SER B 196 24.96 15.53 -1.85
N LEU B 197 25.31 15.62 -0.57
CA LEU B 197 26.25 16.63 -0.09
C LEU B 197 27.55 15.94 0.33
N ALA B 198 28.68 16.54 -0.07
CA ALA B 198 29.98 16.00 0.29
C ALA B 198 30.25 16.21 1.78
N PRO B 199 31.10 15.38 2.38
CA PRO B 199 31.44 15.58 3.80
C PRO B 199 32.06 16.95 4.08
N ASP B 200 32.81 17.50 3.13
CA ASP B 200 33.39 18.83 3.31
C ASP B 200 32.36 19.94 3.21
N THR B 201 31.15 19.64 2.73
CA THR B 201 30.06 20.60 2.59
C THR B 201 30.48 21.80 1.72
N ARG B 202 31.29 21.54 0.71
CA ARG B 202 31.73 22.59 -0.22
C ARG B 202 31.19 22.40 -1.63
N LEU B 203 30.93 21.17 -2.04
CA LEU B 203 30.44 20.87 -3.38
C LEU B 203 29.49 19.68 -3.29
N PHE B 204 28.57 19.61 -4.26
CA PHE B 204 27.53 18.59 -4.22
C PHE B 204 27.23 18.07 -5.62
N VAL B 205 26.75 16.83 -5.67
CA VAL B 205 26.36 16.19 -6.92
C VAL B 205 24.85 16.25 -7.04
N SER B 206 24.38 16.18 -8.29
CA SER B 206 22.95 16.16 -8.58
C SER B 206 22.69 15.17 -9.70
N GLY B 207 21.51 14.56 -9.66
CA GLY B 207 21.10 13.62 -10.69
C GLY B 207 19.70 13.90 -11.17
N ALA B 208 19.54 13.89 -12.49
CA ALA B 208 18.27 14.24 -13.12
C ALA B 208 17.83 13.11 -14.04
N CYS B 209 16.66 13.29 -14.64
CA CYS B 209 16.11 12.30 -15.57
C CYS B 209 16.83 12.30 -16.92
N ASP B 210 17.74 13.25 -17.15
CA ASP B 210 18.49 13.31 -18.40
C ASP B 210 19.56 12.22 -18.51
N ALA B 211 19.56 11.25 -17.60
CA ALA B 211 20.54 10.16 -17.59
C ALA B 211 21.97 10.70 -17.46
N SER B 212 22.13 11.77 -16.69
CA SER B 212 23.44 12.37 -16.47
C SER B 212 23.46 13.00 -15.10
N ALA B 213 24.68 13.21 -14.58
CA ALA B 213 24.88 13.81 -13.27
C ALA B 213 25.75 15.05 -13.41
N LYS B 214 25.57 16.00 -12.50
CA LYS B 214 26.34 17.24 -12.53
C LYS B 214 26.92 17.53 -11.16
N LEU B 215 28.20 17.89 -11.15
CA LEU B 215 28.90 18.31 -9.95
C LEU B 215 28.94 19.83 -9.89
N TRP B 216 28.35 20.39 -8.83
CA TRP B 216 28.26 21.82 -8.60
C TRP B 216 29.05 22.16 -7.35
N ASP B 217 29.46 23.42 -7.22
CA ASP B 217 30.09 23.91 -6.01
C ASP B 217 29.27 25.06 -5.43
N VAL B 218 29.12 25.06 -4.10
CA VAL B 218 28.15 25.92 -3.46
C VAL B 218 28.58 27.39 -3.55
N ARG B 219 29.87 27.65 -3.36
CA ARG B 219 30.31 29.04 -3.16
C ARG B 219 30.14 29.87 -4.42
N GLU B 220 30.84 29.51 -5.50
CA GLU B 220 30.80 30.32 -6.71
C GLU B 220 29.57 30.03 -7.55
N GLY B 221 28.91 28.89 -7.34
CA GLY B 221 27.64 28.62 -7.97
C GLY B 221 27.67 28.47 -9.48
N MET B 222 28.65 27.77 -10.03
CA MET B 222 28.71 27.51 -11.45
C MET B 222 29.11 26.06 -11.67
N CYS B 223 28.79 25.53 -12.85
CA CYS B 223 28.93 24.10 -13.09
C CYS B 223 30.40 23.68 -13.06
N ARG B 224 30.70 22.71 -12.20
CA ARG B 224 32.07 22.21 -12.04
C ARG B 224 32.36 21.02 -12.93
N GLN B 225 31.45 20.06 -13.01
CA GLN B 225 31.73 18.86 -13.80
C GLN B 225 30.43 18.23 -14.26
N THR B 226 30.53 17.40 -15.29
CA THR B 226 29.39 16.66 -15.83
C THR B 226 29.80 15.23 -16.12
N PHE B 227 28.94 14.28 -15.74
CA PHE B 227 29.17 12.86 -15.96
C PHE B 227 27.98 12.26 -16.69
N THR B 228 28.27 11.32 -17.58
CA THR B 228 27.22 10.66 -18.36
C THR B 228 27.51 9.17 -18.41
N GLY B 229 26.56 8.42 -18.97
CA GLY B 229 26.71 6.99 -19.11
C GLY B 229 25.43 6.22 -18.85
N HIS B 230 24.54 6.79 -18.04
CA HIS B 230 23.27 6.13 -17.74
C HIS B 230 22.36 6.15 -18.97
N GLU B 231 21.46 5.16 -19.03
CA GLU B 231 20.52 5.03 -20.13
C GLU B 231 19.08 5.29 -19.71
N SER B 232 18.85 5.74 -18.48
CA SER B 232 17.50 6.00 -18.00
C SER B 232 17.58 7.08 -16.93
N ASP B 233 16.42 7.42 -16.34
CA ASP B 233 16.36 8.46 -15.33
C ASP B 233 17.10 8.04 -14.07
N ILE B 234 17.86 8.97 -13.51
CA ILE B 234 18.62 8.72 -12.28
C ILE B 234 17.73 9.01 -11.08
N ASN B 235 17.62 8.03 -10.18
CA ASN B 235 16.74 8.14 -9.02
C ASN B 235 17.48 8.26 -7.70
N ALA B 236 18.74 7.85 -7.63
CA ALA B 236 19.48 7.88 -6.38
C ALA B 236 20.90 8.36 -6.62
N ILE B 237 21.49 8.93 -5.58
CA ILE B 237 22.86 9.43 -5.62
C ILE B 237 23.41 9.47 -4.20
N CYS B 238 24.72 9.25 -4.06
CA CYS B 238 25.35 9.24 -2.76
C CYS B 238 26.86 9.42 -2.94
N PHE B 239 27.44 10.30 -2.12
CA PHE B 239 28.88 10.54 -2.16
C PHE B 239 29.66 9.39 -1.53
N PHE B 240 30.84 9.14 -2.08
CA PHE B 240 31.76 8.20 -1.46
C PHE B 240 32.28 8.79 -0.14
N PRO B 241 32.55 7.96 0.87
CA PRO B 241 33.03 8.51 2.15
C PRO B 241 34.30 9.34 2.02
N ASN B 242 35.19 8.99 1.10
CA ASN B 242 36.39 9.80 0.89
C ASN B 242 36.05 11.19 0.35
N GLY B 243 34.92 11.34 -0.34
CA GLY B 243 34.51 12.61 -0.90
C GLY B 243 34.98 12.86 -2.31
N ASN B 244 35.83 12.01 -2.86
CA ASN B 244 36.32 12.16 -4.22
C ASN B 244 35.52 11.36 -5.25
N ALA B 245 34.46 10.68 -4.83
CA ALA B 245 33.67 9.87 -5.74
C ALA B 245 32.22 9.84 -5.26
N PHE B 246 31.36 9.27 -6.11
CA PHE B 246 29.95 9.11 -5.78
C PHE B 246 29.38 7.98 -6.63
N ALA B 247 28.19 7.54 -6.24
CA ALA B 247 27.49 6.47 -6.94
C ALA B 247 26.10 6.94 -7.36
N THR B 248 25.64 6.45 -8.50
CA THR B 248 24.35 6.81 -9.05
C THR B 248 23.59 5.55 -9.44
N GLY B 249 22.28 5.62 -9.34
CA GLY B 249 21.41 4.53 -9.75
C GLY B 249 20.30 5.02 -10.64
N SER B 250 19.91 4.18 -11.60
CA SER B 250 18.89 4.54 -12.57
C SER B 250 17.91 3.38 -12.72
N ASP B 251 16.89 3.60 -13.54
CA ASP B 251 15.90 2.57 -13.82
C ASP B 251 16.46 1.43 -14.66
N ASP B 252 17.67 1.59 -15.22
CA ASP B 252 18.30 0.55 -16.02
C ASP B 252 18.83 -0.60 -15.16
N ALA B 253 18.57 -0.59 -13.86
CA ALA B 253 19.00 -1.64 -12.92
C ALA B 253 20.52 -1.76 -12.88
N THR B 254 21.23 -0.67 -13.15
CA THR B 254 22.69 -0.66 -13.11
C THR B 254 23.16 0.49 -12.23
N CYS B 255 24.06 0.19 -11.30
CA CYS B 255 24.67 1.21 -10.46
C CYS B 255 26.00 1.63 -11.08
N ARG B 256 26.24 2.94 -11.15
CA ARG B 256 27.43 3.48 -11.80
C ARG B 256 28.16 4.40 -10.85
N LEU B 257 29.44 4.13 -10.64
CA LEU B 257 30.27 4.90 -9.73
C LEU B 257 31.17 5.83 -10.54
N PHE B 258 31.05 7.13 -10.27
CA PHE B 258 31.84 8.15 -10.94
C PHE B 258 32.67 8.90 -9.92
N ASP B 259 33.95 9.07 -10.20
CA ASP B 259 34.86 9.78 -9.31
C ASP B 259 35.22 11.13 -9.93
N LEU B 260 35.20 12.18 -9.09
CA LEU B 260 35.35 13.54 -9.57
C LEU B 260 36.72 13.82 -10.19
N ARG B 261 37.75 13.05 -9.82
CA ARG B 261 39.10 13.31 -10.28
C ARG B 261 39.47 12.54 -11.53
N ALA B 262 38.85 11.37 -11.76
CA ALA B 262 39.13 10.62 -12.98
C ALA B 262 38.24 11.02 -14.15
N ASP B 263 37.06 11.59 -13.87
CA ASP B 263 36.14 12.05 -14.91
C ASP B 263 35.78 10.93 -15.88
N GLN B 264 35.57 9.73 -15.33
CA GLN B 264 35.22 8.59 -16.16
C GLN B 264 34.58 7.51 -15.28
N GLU B 265 33.81 6.65 -15.93
CA GLU B 265 33.17 5.54 -15.23
C GLU B 265 34.20 4.49 -14.84
N LEU B 266 34.00 3.89 -13.66
CA LEU B 266 34.88 2.84 -13.14
C LEU B 266 34.31 1.44 -13.33
N MET B 267 33.08 1.20 -12.91
CA MET B 267 32.44 -0.11 -13.07
C MET B 267 30.93 0.09 -13.11
N THR B 268 30.24 -0.96 -13.59
CA THR B 268 28.79 -1.01 -13.61
C THR B 268 28.33 -2.21 -12.80
N TYR B 269 27.52 -1.96 -11.78
CA TYR B 269 26.95 -3.03 -10.96
C TYR B 269 25.63 -3.44 -11.57
N SER B 270 25.57 -4.67 -12.08
CA SER B 270 24.37 -5.18 -12.73
C SER B 270 24.34 -6.69 -12.59
N HIS B 271 23.15 -7.26 -12.75
CA HIS B 271 22.97 -8.70 -12.68
C HIS B 271 21.81 -9.11 -13.57
N ASP B 272 21.84 -10.37 -14.02
CA ASP B 272 20.78 -10.87 -14.87
C ASP B 272 19.47 -11.03 -14.11
N ASN B 273 19.55 -11.44 -12.84
CA ASN B 273 18.34 -11.63 -12.04
C ASN B 273 17.62 -10.30 -11.83
N ILE B 274 18.37 -9.26 -11.49
CA ILE B 274 17.76 -7.96 -11.18
C ILE B 274 17.43 -7.23 -12.48
N ILE B 275 16.16 -6.87 -12.64
CA ILE B 275 15.72 -6.11 -13.80
C ILE B 275 14.96 -4.84 -13.44
N CYS B 276 14.37 -4.75 -12.25
CA CYS B 276 13.65 -3.55 -11.85
C CYS B 276 14.62 -2.44 -11.48
N GLY B 277 14.08 -1.24 -11.36
CA GLY B 277 14.88 -0.06 -11.08
C GLY B 277 15.36 -0.01 -9.64
N ILE B 278 15.93 1.14 -9.30
CA ILE B 278 16.54 1.38 -8.00
C ILE B 278 15.93 2.64 -7.39
N THR B 279 15.95 2.73 -6.06
CA THR B 279 15.39 3.88 -5.37
C THR B 279 16.36 4.60 -4.45
N SER B 280 17.34 3.88 -3.87
CA SER B 280 18.25 4.51 -2.93
C SER B 280 19.63 3.89 -3.05
N VAL B 281 20.66 4.70 -2.81
CA VAL B 281 22.05 4.26 -2.82
C VAL B 281 22.74 4.84 -1.59
N SER B 282 23.53 4.01 -0.91
CA SER B 282 24.25 4.44 0.27
C SER B 282 25.59 3.72 0.34
N PHE B 283 26.50 4.31 1.11
CA PHE B 283 27.85 3.77 1.29
C PHE B 283 28.08 3.45 2.77
N SER B 284 28.93 2.46 3.01
CA SER B 284 29.35 2.14 4.37
C SER B 284 30.35 3.18 4.87
N LYS B 285 30.74 3.04 6.13
CA LYS B 285 31.70 3.98 6.71
C LYS B 285 33.04 3.92 5.99
N SER B 286 33.53 2.71 5.71
CA SER B 286 34.81 2.56 5.02
C SER B 286 34.67 2.64 3.50
N GLY B 287 33.45 2.56 2.98
CA GLY B 287 33.23 2.59 1.55
C GLY B 287 33.53 1.30 0.82
N ARG B 288 33.85 0.23 1.54
CA ARG B 288 34.17 -1.04 0.88
C ARG B 288 32.94 -1.68 0.26
N LEU B 289 31.77 -1.49 0.86
CA LEU B 289 30.54 -2.11 0.38
C LEU B 289 29.47 -1.04 0.18
N LEU B 290 28.57 -1.31 -0.77
CA LEU B 290 27.50 -0.40 -1.14
C LEU B 290 26.16 -1.08 -0.96
N LEU B 291 25.14 -0.29 -0.62
CA LEU B 291 23.79 -0.78 -0.40
C LEU B 291 22.86 -0.14 -1.42
N ALA B 292 22.00 -0.96 -2.02
CA ALA B 292 21.04 -0.50 -3.01
C ALA B 292 19.66 -1.04 -2.69
N GLY B 293 18.63 -0.24 -2.94
CA GLY B 293 17.27 -0.67 -2.72
C GLY B 293 16.47 -0.81 -3.99
N TYR B 294 16.17 -2.04 -4.39
CA TYR B 294 15.50 -2.27 -5.67
C TYR B 294 13.99 -2.37 -5.48
N ASP B 295 13.27 -2.19 -6.58
CA ASP B 295 11.81 -2.19 -6.53
C ASP B 295 11.22 -3.55 -6.22
N ASP B 296 12.00 -4.62 -6.32
CA ASP B 296 11.49 -5.96 -6.03
C ASP B 296 11.55 -6.23 -4.53
N PHE B 297 11.01 -5.30 -3.73
CA PHE B 297 10.94 -5.37 -2.27
C PHE B 297 12.19 -5.98 -1.64
N ASN B 298 13.37 -5.58 -2.11
CA ASN B 298 14.61 -6.15 -1.61
C ASN B 298 15.72 -5.11 -1.65
N CYS B 299 16.78 -5.40 -0.91
CA CYS B 299 18.00 -4.59 -0.92
C CYS B 299 19.17 -5.50 -1.28
N ASN B 300 20.11 -4.97 -2.05
CA ASN B 300 21.30 -5.71 -2.45
C ASN B 300 22.53 -5.01 -1.90
N VAL B 301 23.41 -5.78 -1.25
CA VAL B 301 24.68 -5.30 -0.75
C VAL B 301 25.76 -5.79 -1.69
N TRP B 302 26.38 -4.86 -2.40
CA TRP B 302 27.42 -5.15 -3.38
C TRP B 302 28.77 -4.78 -2.79
N ASP B 303 29.84 -5.36 -3.32
CA ASP B 303 31.18 -4.94 -2.96
C ASP B 303 31.60 -3.80 -3.89
N ALA B 304 31.99 -2.67 -3.30
CA ALA B 304 32.34 -1.50 -4.10
C ALA B 304 33.62 -1.71 -4.91
N LEU B 305 34.42 -2.72 -4.57
CA LEU B 305 35.69 -2.97 -5.25
C LEU B 305 35.60 -4.17 -6.19
N LYS B 306 35.18 -5.32 -5.67
CA LYS B 306 35.10 -6.53 -6.50
C LYS B 306 33.94 -6.47 -7.49
N ALA B 307 33.00 -5.54 -7.32
CA ALA B 307 31.85 -5.36 -8.19
C ALA B 307 30.96 -6.59 -8.26
N ASP B 308 30.95 -7.41 -7.22
CA ASP B 308 30.11 -8.59 -7.14
C ASP B 308 29.13 -8.49 -5.98
N ARG B 309 28.03 -9.22 -6.08
CA ARG B 309 27.03 -9.21 -5.02
C ARG B 309 27.58 -9.89 -3.77
N ALA B 310 27.29 -9.29 -2.61
CA ALA B 310 27.77 -9.82 -1.34
C ALA B 310 26.68 -10.14 -0.34
N GLY B 311 25.48 -9.59 -0.49
CA GLY B 311 24.41 -9.88 0.44
C GLY B 311 23.06 -9.48 -0.11
N VAL B 312 22.03 -10.08 0.45
CA VAL B 312 20.65 -9.79 0.08
C VAL B 312 19.85 -9.55 1.35
N LEU B 313 19.11 -8.44 1.39
CA LEU B 313 18.27 -8.07 2.51
C LEU B 313 16.81 -8.13 2.07
N ALA B 314 16.11 -9.17 2.48
CA ALA B 314 14.68 -9.31 2.26
C ALA B 314 13.92 -8.77 3.48
N GLY B 315 12.63 -9.06 3.55
CA GLY B 315 11.83 -8.69 4.71
C GLY B 315 10.90 -7.52 4.51
N HIS B 316 10.79 -6.99 3.30
CA HIS B 316 9.88 -5.90 2.99
C HIS B 316 8.78 -6.40 2.06
N ASP B 317 7.55 -6.00 2.35
CA ASP B 317 6.40 -6.47 1.60
C ASP B 317 6.01 -5.55 0.45
N ASN B 318 6.73 -4.45 0.24
CA ASN B 318 6.41 -3.52 -0.83
C ASN B 318 7.70 -2.89 -1.33
N ARG B 319 7.57 -1.99 -2.30
CA ARG B 319 8.73 -1.35 -2.90
C ARG B 319 9.54 -0.58 -1.85
N VAL B 320 10.85 -0.79 -1.87
CA VAL B 320 11.74 -0.07 -0.96
C VAL B 320 11.93 1.35 -1.49
N SER B 321 11.66 2.34 -0.64
CA SER B 321 11.71 3.74 -1.04
C SER B 321 12.97 4.46 -0.56
N CYS B 322 13.43 4.18 0.65
CA CYS B 322 14.57 4.89 1.20
C CYS B 322 15.36 3.98 2.13
N LEU B 323 16.64 4.28 2.28
CA LEU B 323 17.51 3.58 3.22
C LEU B 323 18.68 4.50 3.56
N GLY B 324 19.31 4.21 4.70
CA GLY B 324 20.40 5.05 5.17
C GLY B 324 21.26 4.43 6.24
N VAL B 325 22.57 4.68 6.16
CA VAL B 325 23.54 4.19 7.12
C VAL B 325 23.83 5.29 8.13
N THR B 326 24.13 4.89 9.36
CA THR B 326 24.46 5.85 10.40
C THR B 326 25.83 6.48 10.12
N ASP B 327 26.09 7.59 10.82
CA ASP B 327 27.36 8.28 10.65
C ASP B 327 28.53 7.40 11.09
N ASP B 328 28.36 6.70 12.22
CA ASP B 328 29.40 5.80 12.72
C ASP B 328 29.34 4.41 12.07
N GLY B 329 28.35 4.15 11.23
CA GLY B 329 28.24 2.87 10.56
C GLY B 329 27.80 1.73 11.44
N MET B 330 27.20 2.01 12.60
CA MET B 330 26.80 0.94 13.51
C MET B 330 25.73 0.05 12.88
N ALA B 331 24.74 0.65 12.21
CA ALA B 331 23.66 -0.10 11.60
C ALA B 331 23.11 0.70 10.42
N VAL B 332 22.27 0.05 9.63
CA VAL B 332 21.62 0.67 8.48
C VAL B 332 20.12 0.46 8.59
N ALA B 333 19.35 1.52 8.38
CA ALA B 333 17.90 1.46 8.47
C ALA B 333 17.29 1.62 7.09
N THR B 334 16.44 0.68 6.71
CA THR B 334 15.81 0.67 5.40
C THR B 334 14.30 0.81 5.55
N GLY B 335 13.72 1.73 4.78
CA GLY B 335 12.28 1.90 4.76
C GLY B 335 11.67 1.42 3.47
N SER B 336 10.34 1.30 3.43
CA SER B 336 9.64 0.80 2.26
C SER B 336 8.21 1.31 2.26
N TRP B 337 7.51 1.05 1.16
CA TRP B 337 6.11 1.46 1.04
C TRP B 337 5.18 0.71 1.98
N ASP B 338 5.65 -0.36 2.61
CA ASP B 338 4.84 -1.11 3.56
C ASP B 338 4.73 -0.42 4.93
N SER B 339 5.23 0.81 5.06
CA SER B 339 5.15 1.62 6.26
C SER B 339 5.89 1.02 7.45
N PHE B 340 6.91 0.19 7.20
CA PHE B 340 7.73 -0.39 8.24
C PHE B 340 9.20 -0.11 7.96
N LEU B 341 9.95 0.23 9.01
CA LEU B 341 11.38 0.49 8.91
C LEU B 341 12.13 -0.64 9.61
N LYS B 342 13.14 -1.18 8.92
CA LYS B 342 13.91 -2.30 9.43
C LYS B 342 15.35 -1.87 9.66
N ILE B 343 15.88 -2.13 10.85
CA ILE B 343 17.25 -1.79 11.20
C ILE B 343 18.10 -3.06 11.16
N TRP B 344 19.18 -3.03 10.40
CA TRP B 344 20.06 -4.17 10.18
C TRP B 344 21.46 -3.85 10.68
N ASN B 345 22.07 -4.83 11.33
CA ASN B 345 23.43 -4.67 11.84
C ASN B 345 24.27 -5.88 11.46
N GLN C 18 29.70 27.31 -21.48
CA GLN C 18 29.90 26.54 -20.26
C GLN C 18 30.89 25.40 -20.48
N LEU C 19 30.67 24.62 -21.54
CA LEU C 19 31.55 23.50 -21.84
C LEU C 19 32.93 23.95 -22.30
N LYS C 20 33.07 25.21 -22.70
CA LYS C 20 34.37 25.71 -23.17
C LYS C 20 35.41 25.67 -22.05
N MET C 21 35.01 26.08 -20.84
CA MET C 21 35.93 26.13 -19.71
C MET C 21 36.00 24.82 -18.94
N GLU C 22 35.12 23.87 -19.22
CA GLU C 22 35.16 22.59 -18.52
C GLU C 22 36.38 21.78 -18.92
N ALA C 23 36.79 21.87 -20.19
CA ALA C 23 37.96 21.12 -20.65
C ALA C 23 39.25 21.66 -20.08
N ASN C 24 39.28 22.91 -19.61
CA ASN C 24 40.48 23.52 -19.07
C ASN C 24 40.65 23.16 -17.58
N ILE C 25 40.77 21.87 -17.33
CA ILE C 25 40.98 21.34 -15.99
C ILE C 25 42.11 20.33 -16.03
N ASP C 26 42.69 20.08 -14.86
CA ASP C 26 43.79 19.12 -14.76
C ASP C 26 43.29 17.71 -15.07
N ARG C 27 44.08 16.98 -15.84
CA ARG C 27 43.74 15.61 -16.25
C ARG C 27 44.85 14.68 -15.79
N ILE C 28 44.49 13.70 -14.96
CA ILE C 28 45.45 12.75 -14.41
C ILE C 28 45.03 11.33 -14.79
N LYS C 29 45.82 10.34 -14.36
CA LYS C 29 45.55 8.95 -14.67
C LYS C 29 44.57 8.36 -13.66
N VAL C 30 43.77 7.40 -14.12
CA VAL C 30 42.79 6.75 -13.25
C VAL C 30 43.44 5.73 -12.31
N SER C 31 44.67 5.29 -12.62
CA SER C 31 45.33 4.28 -11.79
C SER C 31 45.59 4.82 -10.39
N LYS C 32 46.07 6.06 -10.28
CA LYS C 32 46.30 6.65 -8.97
C LYS C 32 44.99 6.89 -8.21
N ALA C 33 43.92 7.25 -8.91
CA ALA C 33 42.62 7.36 -8.25
C ALA C 33 42.16 6.03 -7.69
N ALA C 34 42.35 4.96 -8.46
CA ALA C 34 41.99 3.62 -7.98
C ALA C 34 42.84 3.23 -6.77
N ALA C 35 44.13 3.53 -6.80
CA ALA C 35 44.99 3.24 -5.67
C ALA C 35 44.56 4.02 -4.43
N ASP C 36 44.19 5.28 -4.61
CA ASP C 36 43.70 6.09 -3.49
C ASP C 36 42.40 5.50 -2.93
N LEU C 37 41.51 5.05 -3.81
CA LEU C 37 40.27 4.44 -3.36
C LEU C 37 40.55 3.18 -2.53
N MET C 38 41.45 2.32 -3.00
CA MET C 38 41.81 1.14 -2.23
C MET C 38 42.44 1.52 -0.88
N ALA C 39 43.31 2.54 -0.88
CA ALA C 39 43.95 2.95 0.36
C ALA C 39 42.94 3.46 1.36
N TYR C 40 41.98 4.27 0.90
CA TYR C 40 40.93 4.76 1.79
C TYR C 40 40.07 3.61 2.29
N CYS C 41 39.78 2.64 1.42
CA CYS C 41 38.96 1.51 1.83
C CYS C 41 39.65 0.67 2.91
N GLU C 42 40.94 0.39 2.74
CA GLU C 42 41.62 -0.45 3.71
C GLU C 42 41.95 0.29 4.99
N ALA C 43 42.15 1.61 4.91
CA ALA C 43 42.48 2.39 6.10
C ALA C 43 41.36 2.36 7.13
N HIS C 44 40.12 2.49 6.67
CA HIS C 44 38.96 2.51 7.56
C HIS C 44 38.25 1.16 7.63
N ALA C 45 38.84 0.11 7.06
CA ALA C 45 38.20 -1.20 7.08
C ALA C 45 38.07 -1.75 8.50
N LYS C 46 39.04 -1.45 9.36
CA LYS C 46 39.01 -1.96 10.72
C LYS C 46 37.99 -1.23 11.59
N GLU C 47 37.51 -0.07 11.16
CA GLU C 47 36.50 0.70 11.89
C GLU C 47 35.14 0.66 11.22
N ASP C 48 34.86 -0.41 10.48
CA ASP C 48 33.57 -0.56 9.79
C ASP C 48 32.75 -1.64 10.47
N PRO C 49 31.72 -1.28 11.25
CA PRO C 49 30.88 -2.31 11.88
C PRO C 49 30.16 -3.20 10.87
N LEU C 50 29.82 -2.66 9.70
CA LEU C 50 29.14 -3.46 8.69
C LEU C 50 30.07 -4.47 8.05
N LEU C 51 31.33 -4.08 7.82
CA LEU C 51 32.28 -4.97 7.16
C LEU C 51 32.59 -6.19 8.03
N THR C 52 32.88 -5.97 9.31
CA THR C 52 33.20 -7.05 10.25
C THR C 52 32.11 -7.13 11.30
N PRO C 53 31.46 -8.28 11.47
CA PRO C 53 30.37 -8.38 12.46
C PRO C 53 30.86 -8.05 13.86
N VAL C 54 30.00 -7.36 14.61
CA VAL C 54 30.35 -6.89 15.96
C VAL C 54 29.66 -7.78 16.99
N PRO C 55 30.37 -8.22 18.03
CA PRO C 55 29.73 -9.04 19.06
C PRO C 55 28.83 -8.20 19.97
N ALA C 56 28.05 -8.90 20.79
CA ALA C 56 27.11 -8.25 21.69
C ALA C 56 27.78 -7.51 22.84
N SER C 57 29.09 -7.68 23.02
CA SER C 57 29.77 -7.01 24.12
C SER C 57 29.72 -5.49 23.98
N GLU C 58 29.77 -4.98 22.75
CA GLU C 58 29.71 -3.54 22.52
C GLU C 58 28.65 -3.13 21.51
N ASN C 59 27.83 -4.07 21.04
CA ASN C 59 26.77 -3.73 20.08
C ASN C 59 25.62 -3.06 20.81
N PRO C 60 25.27 -1.82 20.48
CA PRO C 60 24.14 -1.16 21.18
C PRO C 60 22.79 -1.70 20.78
N PHE C 61 22.67 -2.40 19.66
CA PHE C 61 21.38 -2.92 19.20
C PHE C 61 21.17 -4.34 19.72
N ARG C 62 21.29 -4.49 21.04
CA ARG C 62 21.09 -5.78 21.70
C ARG C 62 20.91 -5.60 23.20
N TYR D 156 -13.38 -53.49 12.69
CA TYR D 156 -14.33 -52.52 12.07
C TYR D 156 -14.14 -51.15 12.74
N GLN D 157 -14.00 -51.13 14.06
CA GLN D 157 -13.82 -49.89 14.81
C GLN D 157 -12.54 -49.18 14.42
N VAL D 158 -11.54 -49.93 13.94
CA VAL D 158 -10.25 -49.33 13.58
C VAL D 158 -10.43 -48.36 12.41
N ILE D 159 -11.18 -48.76 11.40
CA ILE D 159 -11.38 -47.90 10.23
C ILE D 159 -12.11 -46.62 10.61
N THR D 160 -13.17 -46.76 11.42
CA THR D 160 -13.92 -45.59 11.86
C THR D 160 -13.06 -44.66 12.70
N SER D 161 -12.27 -45.21 13.61
CA SER D 161 -11.40 -44.39 14.45
C SER D 161 -10.36 -43.66 13.62
N LEU D 162 -9.77 -44.36 12.64
CA LEU D 162 -8.77 -43.72 11.79
C LEU D 162 -9.38 -42.61 10.95
N LEU D 163 -10.57 -42.85 10.39
CA LEU D 163 -11.22 -41.83 9.58
C LEU D 163 -11.60 -40.61 10.42
N LEU D 164 -12.11 -40.84 11.63
CA LEU D 164 -12.44 -39.72 12.52
C LEU D 164 -11.20 -38.95 12.92
N GLY D 165 -10.10 -39.65 13.21
CA GLY D 165 -8.86 -38.97 13.53
C GLY D 165 -8.33 -38.14 12.38
N THR D 166 -8.41 -38.68 11.16
CA THR D 166 -7.99 -37.92 9.99
C THR D 166 -8.85 -36.68 9.80
N LEU D 167 -10.16 -36.83 9.96
CA LEU D 167 -11.06 -35.67 9.81
C LEU D 167 -10.75 -34.60 10.84
N ILE D 168 -10.54 -35.01 12.09
CA ILE D 168 -10.23 -34.06 13.16
C ILE D 168 -8.89 -33.37 12.88
N PHE D 169 -7.90 -34.14 12.43
CA PHE D 169 -6.59 -33.58 12.14
C PHE D 169 -6.66 -32.56 11.02
N CYS D 170 -7.41 -32.87 9.96
CA CYS D 170 -7.58 -31.92 8.86
C CYS D 170 -8.30 -30.65 9.33
N ALA D 171 -9.33 -30.81 10.16
CA ALA D 171 -10.06 -29.65 10.65
C ALA D 171 -9.16 -28.76 11.50
N VAL D 172 -8.38 -29.38 12.39
CA VAL D 172 -7.46 -28.61 13.23
C VAL D 172 -6.42 -27.90 12.39
N LEU D 173 -5.85 -28.58 11.40
CA LEU D 173 -4.86 -27.95 10.54
C LEU D 173 -5.44 -26.76 9.81
N GLY D 174 -6.63 -26.92 9.22
CA GLY D 174 -7.24 -25.83 8.49
C GLY D 174 -7.56 -24.63 9.37
N ASN D 175 -8.16 -24.89 10.53
CA ASN D 175 -8.52 -23.80 11.44
C ASN D 175 -7.28 -23.09 11.96
N ALA D 176 -6.24 -23.85 12.34
CA ALA D 176 -5.02 -23.23 12.83
C ALA D 176 -4.33 -22.41 11.76
N CYS D 177 -4.29 -22.92 10.51
CA CYS D 177 -3.67 -22.16 9.43
C CYS D 177 -4.43 -20.87 9.16
N VAL D 178 -5.77 -20.92 9.15
CA VAL D 178 -6.55 -19.71 8.92
C VAL D 178 -6.32 -18.71 10.03
N VAL D 179 -6.34 -19.18 11.28
CA VAL D 179 -6.14 -18.28 12.43
C VAL D 179 -4.77 -17.63 12.38
N ALA D 180 -3.72 -18.42 12.10
CA ALA D 180 -2.38 -17.88 12.05
C ALA D 180 -2.23 -16.88 10.91
N ALA D 181 -2.77 -17.20 9.73
CA ALA D 181 -2.66 -16.30 8.59
C ALA D 181 -3.37 -14.99 8.87
N ILE D 182 -4.54 -15.04 9.50
CA ILE D 182 -5.26 -13.82 9.83
C ILE D 182 -4.49 -13.01 10.89
N ALA D 183 -3.93 -13.70 11.89
CA ALA D 183 -3.30 -12.99 12.99
C ALA D 183 -2.00 -12.31 12.56
N LEU D 184 -1.13 -13.03 11.86
CA LEU D 184 0.19 -12.49 11.55
C LEU D 184 0.17 -11.47 10.43
N GLU D 185 -0.68 -11.65 9.42
CA GLU D 185 -0.70 -10.73 8.28
C GLU D 185 -1.26 -9.38 8.69
N ARG D 186 -0.71 -8.33 8.08
CA ARG D 186 -1.16 -6.96 8.36
C ARG D 186 -2.25 -6.50 7.41
N SER D 187 -2.24 -6.96 6.16
CA SER D 187 -3.27 -6.58 5.21
C SER D 187 -4.58 -7.30 5.45
N LEU D 188 -4.60 -8.34 6.27
CA LEU D 188 -5.80 -9.09 6.58
C LEU D 188 -6.46 -8.67 7.88
N GLN D 189 -6.09 -7.50 8.42
CA GLN D 189 -6.68 -6.99 9.65
C GLN D 189 -7.71 -5.93 9.27
N ASN D 190 -8.98 -6.33 9.24
CA ASN D 190 -10.07 -5.41 8.94
C ASN D 190 -11.35 -5.97 9.57
N VAL D 191 -12.42 -5.17 9.49
CA VAL D 191 -13.68 -5.56 10.11
C VAL D 191 -14.22 -6.83 9.47
N ALA D 192 -14.15 -6.94 8.14
CA ALA D 192 -14.66 -8.12 7.46
C ALA D 192 -13.90 -9.38 7.86
N ASN D 193 -12.58 -9.28 7.97
CA ASN D 193 -11.77 -10.45 8.29
C ASN D 193 -11.79 -10.81 9.77
N TYR D 194 -12.19 -9.88 10.64
CA TYR D 194 -12.28 -10.20 12.07
C TYR D 194 -13.35 -11.24 12.34
N LEU D 195 -14.49 -11.14 11.64
CA LEU D 195 -15.53 -12.16 11.77
C LEU D 195 -15.05 -13.51 11.29
N ILE D 196 -14.29 -13.53 10.18
CA ILE D 196 -13.73 -14.78 9.68
C ILE D 196 -12.76 -15.37 10.69
N GLY D 197 -11.94 -14.52 11.31
CA GLY D 197 -11.02 -15.00 12.32
C GLY D 197 -11.73 -15.57 13.54
N SER D 198 -12.79 -14.90 13.99
CA SER D 198 -13.57 -15.41 15.12
C SER D 198 -14.21 -16.75 14.77
N LEU D 199 -14.74 -16.87 13.55
CA LEU D 199 -15.31 -18.14 13.11
C LEU D 199 -14.26 -19.24 13.07
N ALA D 200 -13.06 -18.92 12.59
CA ALA D 200 -11.99 -19.90 12.56
C ALA D 200 -11.58 -20.33 13.97
N VAL D 201 -11.51 -19.38 14.90
CA VAL D 201 -11.19 -19.72 16.29
C VAL D 201 -12.27 -20.61 16.88
N THR D 202 -13.54 -20.30 16.61
CA THR D 202 -14.63 -21.13 17.12
C THR D 202 -14.55 -22.55 16.56
N ASP D 203 -14.29 -22.67 15.25
CA ASP D 203 -14.18 -24.00 14.65
C ASP D 203 -12.97 -24.76 15.19
N LEU D 204 -11.87 -24.05 15.44
CA LEU D 204 -10.71 -24.70 16.06
C LEU D 204 -11.06 -25.21 17.44
N MET D 205 -11.81 -24.42 18.22
CA MET D 205 -12.24 -24.87 19.54
C MET D 205 -13.12 -26.10 19.44
N VAL D 206 -14.03 -26.11 18.46
CA VAL D 206 -14.86 -27.31 18.23
C VAL D 206 -13.98 -28.51 17.92
N SER D 207 -12.98 -28.32 17.06
CA SER D 207 -12.16 -29.43 16.61
C SER D 207 -11.30 -29.99 17.73
N VAL D 208 -10.77 -29.12 18.61
CA VAL D 208 -9.82 -29.58 19.62
C VAL D 208 -10.47 -29.87 20.98
N LEU D 209 -11.73 -29.48 21.18
CA LEU D 209 -12.40 -29.68 22.46
C LEU D 209 -13.60 -30.60 22.39
N VAL D 210 -14.35 -30.58 21.29
CA VAL D 210 -15.58 -31.35 21.16
C VAL D 210 -15.40 -32.58 20.29
N LEU D 211 -14.72 -32.43 19.15
CA LEU D 211 -14.63 -33.51 18.18
C LEU D 211 -13.95 -34.78 18.72
N PRO D 212 -12.80 -34.71 19.40
CA PRO D 212 -12.17 -35.97 19.85
C PRO D 212 -13.03 -36.79 20.81
N MET D 213 -13.71 -36.13 21.75
CA MET D 213 -14.54 -36.86 22.70
C MET D 213 -15.75 -37.48 22.03
N ALA D 214 -16.38 -36.76 21.09
CA ALA D 214 -17.49 -37.33 20.34
C ALA D 214 -17.02 -38.50 19.48
N ALA D 215 -15.83 -38.39 18.90
CA ALA D 215 -15.28 -39.50 18.14
C ALA D 215 -15.04 -40.72 19.03
N LEU D 216 -14.52 -40.50 20.24
CA LEU D 216 -14.32 -41.59 21.18
C LEU D 216 -15.64 -42.24 21.55
N TYR D 217 -16.68 -41.42 21.79
CA TYR D 217 -17.99 -41.96 22.11
C TYR D 217 -18.54 -42.79 20.96
N GLN D 218 -18.37 -42.31 19.73
CA GLN D 218 -18.84 -43.05 18.57
C GLN D 218 -18.08 -44.37 18.41
N VAL D 219 -16.76 -44.34 18.63
CA VAL D 219 -15.96 -45.55 18.49
C VAL D 219 -16.35 -46.60 19.53
N LEU D 220 -16.50 -46.17 20.78
CA LEU D 220 -16.84 -47.10 21.85
C LEU D 220 -18.34 -47.37 21.95
N ASN D 221 -19.17 -46.61 21.25
CA ASN D 221 -20.62 -46.75 21.23
C ASN D 221 -21.25 -46.56 22.61
N LYS D 222 -20.49 -46.06 23.58
CA LYS D 222 -21.02 -45.83 24.92
C LYS D 222 -20.13 -44.80 25.61
N TRP D 223 -20.70 -44.17 26.64
CA TRP D 223 -20.00 -43.14 27.40
C TRP D 223 -19.29 -43.78 28.58
N THR D 224 -17.97 -43.60 28.65
CA THR D 224 -17.15 -44.18 29.71
C THR D 224 -16.39 -43.10 30.49
N LEU D 225 -16.86 -41.87 30.44
CA LEU D 225 -16.19 -40.75 31.10
C LEU D 225 -16.96 -40.16 32.26
N GLY D 226 -18.21 -40.58 32.48
CA GLY D 226 -18.98 -40.11 33.61
C GLY D 226 -20.10 -39.16 33.21
N GLN D 227 -21.10 -39.08 34.11
CA GLN D 227 -22.27 -38.24 33.83
C GLN D 227 -21.91 -36.76 33.81
N VAL D 228 -21.09 -36.31 34.76
CA VAL D 228 -20.70 -34.90 34.77
C VAL D 228 -19.84 -34.57 33.55
N THR D 229 -19.00 -35.52 33.13
CA THR D 229 -18.23 -35.33 31.90
C THR D 229 -19.15 -35.22 30.69
N CYS D 230 -20.20 -36.05 30.65
CA CYS D 230 -21.15 -35.95 29.54
C CYS D 230 -21.88 -34.62 29.56
N ASP D 231 -22.23 -34.13 30.75
CA ASP D 231 -22.89 -32.83 30.85
C ASP D 231 -21.99 -31.71 30.36
N LEU D 232 -20.72 -31.74 30.77
CA LEU D 232 -19.76 -30.74 30.28
C LEU D 232 -19.60 -30.83 28.78
N PHE D 233 -19.53 -32.05 28.24
CA PHE D 233 -19.42 -32.22 26.79
C PHE D 233 -20.63 -31.65 26.07
N ILE D 234 -21.84 -31.91 26.60
CA ILE D 234 -23.04 -31.39 25.96
C ILE D 234 -23.06 -29.88 25.99
N ALA D 235 -22.71 -29.29 27.15
CA ALA D 235 -22.67 -27.83 27.25
C ALA D 235 -21.68 -27.23 26.25
N LEU D 236 -20.47 -27.77 26.21
CA LEU D 236 -19.45 -27.24 25.31
C LEU D 236 -19.86 -27.40 23.85
N ASP D 237 -20.40 -28.56 23.48
CA ASP D 237 -20.80 -28.80 22.10
C ASP D 237 -21.92 -27.87 21.69
N VAL D 238 -22.94 -27.71 22.55
CA VAL D 238 -24.07 -26.84 22.22
C VAL D 238 -23.60 -25.40 22.07
N LEU D 239 -22.79 -24.93 23.02
CA LEU D 239 -22.31 -23.54 22.95
C LEU D 239 -21.49 -23.31 21.70
N CYS D 240 -20.55 -24.21 21.41
CA CYS D 240 -19.68 -24.04 20.25
C CYS D 240 -20.45 -24.10 18.94
N CYS D 241 -21.38 -25.05 18.82
CA CYS D 241 -22.17 -25.16 17.61
C CYS D 241 -23.07 -23.95 17.41
N THR D 242 -23.70 -23.46 18.47
CA THR D 242 -24.53 -22.26 18.36
C THR D 242 -23.70 -21.06 17.95
N SER D 243 -22.52 -20.90 18.54
CA SER D 243 -21.65 -19.78 18.18
C SER D 243 -21.21 -19.88 16.71
N SER D 244 -20.85 -21.08 16.26
CA SER D 244 -20.43 -21.26 14.88
C SER D 244 -21.57 -20.96 13.91
N ILE D 245 -22.79 -21.41 14.25
CA ILE D 245 -23.94 -21.13 13.39
C ILE D 245 -24.22 -19.64 13.34
N TRP D 246 -24.19 -18.96 14.49
CA TRP D 246 -24.49 -17.55 14.52
C TRP D 246 -23.40 -16.69 13.89
N HIS D 247 -22.17 -17.22 13.78
CA HIS D 247 -21.15 -16.50 13.03
C HIS D 247 -21.55 -16.30 11.58
N LEU D 248 -22.19 -17.31 10.96
CA LEU D 248 -22.66 -17.16 9.59
C LEU D 248 -23.69 -16.04 9.49
N CYS D 249 -24.63 -15.98 10.43
CA CYS D 249 -25.63 -14.92 10.42
C CYS D 249 -24.99 -13.55 10.61
N ALA D 250 -24.01 -13.46 11.52
CA ALA D 250 -23.32 -12.19 11.73
C ALA D 250 -22.58 -11.74 10.47
N ILE D 251 -21.90 -12.67 9.81
CA ILE D 251 -21.18 -12.33 8.58
C ILE D 251 -22.15 -11.89 7.49
N ALA D 252 -23.28 -12.59 7.36
CA ALA D 252 -24.28 -12.20 6.37
C ALA D 252 -24.83 -10.81 6.67
N LEU D 253 -25.11 -10.52 7.94
CA LEU D 253 -25.60 -9.20 8.30
C LEU D 253 -24.58 -8.11 8.01
N ASP D 254 -23.30 -8.38 8.32
CA ASP D 254 -22.25 -7.41 8.03
C ASP D 254 -22.11 -7.17 6.53
N ARG D 255 -22.17 -8.23 5.73
CA ARG D 255 -22.08 -8.08 4.28
C ARG D 255 -23.26 -7.29 3.74
N TYR D 256 -24.47 -7.58 4.25
CA TYR D 256 -25.65 -6.83 3.81
C TYR D 256 -25.53 -5.36 4.16
N TRP D 257 -25.08 -5.06 5.38
CA TRP D 257 -24.91 -3.66 5.78
C TRP D 257 -23.87 -2.95 4.92
N ALA D 258 -22.75 -3.63 4.63
CA ALA D 258 -21.72 -3.01 3.80
C ALA D 258 -22.21 -2.78 2.38
N ILE D 259 -22.92 -3.75 1.80
CA ILE D 259 -23.33 -3.63 0.40
C ILE D 259 -24.44 -2.60 0.25
N THR D 260 -25.45 -2.63 1.12
CA THR D 260 -26.63 -1.80 0.95
C THR D 260 -26.51 -0.42 1.58
N ASP D 261 -25.48 -0.18 2.41
CA ASP D 261 -25.30 1.11 3.07
C ASP D 261 -23.85 1.54 2.92
N PRO D 262 -23.48 2.06 1.74
CA PRO D 262 -22.08 2.51 1.56
C PRO D 262 -21.67 3.64 2.48
N ILE D 263 -22.59 4.52 2.84
CA ILE D 263 -22.26 5.64 3.73
C ILE D 263 -21.85 5.11 5.10
N ASP D 264 -22.61 4.14 5.63
CA ASP D 264 -22.24 3.54 6.91
C ASP D 264 -20.92 2.80 6.81
N TYR D 265 -20.68 2.14 5.67
CA TYR D 265 -19.41 1.44 5.47
C TYR D 265 -18.24 2.42 5.51
N VAL D 266 -18.39 3.57 4.86
CA VAL D 266 -17.30 4.54 4.80
C VAL D 266 -17.10 5.20 6.16
N ASN D 267 -18.18 5.61 6.82
CA ASN D 267 -18.09 6.46 8.01
C ASN D 267 -18.12 5.66 9.31
N LYS D 268 -19.19 4.91 9.55
CA LYS D 268 -19.47 4.34 10.86
C LYS D 268 -18.99 2.91 11.03
N ARG D 269 -18.28 2.35 10.05
CA ARG D 269 -17.81 0.97 10.16
C ARG D 269 -16.49 0.94 10.94
N THR D 270 -16.51 0.29 12.09
CA THR D 270 -15.34 0.17 12.96
C THR D 270 -15.23 -1.27 13.43
N PRO D 271 -14.04 -1.70 13.84
CA PRO D 271 -13.90 -3.05 14.41
C PRO D 271 -14.73 -3.27 15.67
N ARG D 272 -15.16 -2.19 16.33
CA ARG D 272 -16.06 -2.34 17.47
C ARG D 272 -17.36 -3.03 17.06
N ARG D 273 -17.82 -2.80 15.84
CA ARG D 273 -19.00 -3.50 15.35
C ARG D 273 -18.78 -5.01 15.29
N ALA D 274 -17.61 -5.42 14.78
CA ALA D 274 -17.29 -6.84 14.72
C ALA D 274 -17.18 -7.44 16.12
N ALA D 275 -16.56 -6.69 17.04
CA ALA D 275 -16.46 -7.17 18.42
C ALA D 275 -17.84 -7.32 19.04
N ALA D 276 -18.73 -6.36 18.79
CA ALA D 276 -20.10 -6.45 19.32
C ALA D 276 -20.84 -7.64 18.72
N LEU D 277 -20.65 -7.89 17.42
CA LEU D 277 -21.29 -9.05 16.81
C LEU D 277 -20.79 -10.36 17.41
N ILE D 278 -19.49 -10.46 17.63
CA ILE D 278 -18.93 -11.67 18.23
C ILE D 278 -19.46 -11.85 19.65
N SER D 279 -19.51 -10.76 20.42
CA SER D 279 -20.04 -10.83 21.77
C SER D 279 -21.51 -11.23 21.77
N LEU D 280 -22.29 -10.72 20.81
CA LEU D 280 -23.69 -11.09 20.71
C LEU D 280 -23.86 -12.57 20.39
N THR D 281 -23.06 -13.09 19.46
CA THR D 281 -23.13 -14.51 19.13
C THR D 281 -22.80 -15.37 20.34
N TRP D 282 -21.74 -15.00 21.07
CA TRP D 282 -21.39 -15.76 22.27
C TRP D 282 -22.47 -15.64 23.34
N LEU D 283 -23.11 -14.47 23.46
CA LEU D 283 -24.18 -14.30 24.43
C LEU D 283 -25.37 -15.19 24.08
N ILE D 284 -25.74 -15.28 22.80
CA ILE D 284 -26.83 -16.17 22.41
C ILE D 284 -26.45 -17.62 22.69
N GLY D 285 -25.22 -18.00 22.39
CA GLY D 285 -24.79 -19.36 22.69
C GLY D 285 -24.89 -19.68 24.17
N PHE D 286 -24.45 -18.75 25.02
CA PHE D 286 -24.55 -18.96 26.46
C PHE D 286 -26.00 -19.02 26.93
N LEU D 287 -26.85 -18.12 26.41
CA LEU D 287 -28.25 -18.11 26.84
C LEU D 287 -28.99 -19.35 26.36
N ILE D 288 -28.47 -20.02 25.34
CA ILE D 288 -29.06 -21.30 24.94
C ILE D 288 -28.48 -22.49 25.72
N SER D 289 -27.19 -22.45 26.07
CA SER D 289 -26.56 -23.59 26.72
C SER D 289 -26.77 -23.63 28.23
N ILE D 290 -26.89 -22.47 28.88
CA ILE D 290 -27.05 -22.44 30.34
C ILE D 290 -28.34 -23.08 30.83
N PRO D 291 -29.52 -22.77 30.26
CA PRO D 291 -30.80 -23.13 30.92
C PRO D 291 -30.95 -24.62 31.25
N PRO D 292 -30.55 -25.56 30.38
CA PRO D 292 -30.78 -26.97 30.76
C PRO D 292 -30.05 -27.40 32.02
N MET D 293 -28.87 -26.84 32.30
CA MET D 293 -28.20 -27.17 33.55
C MET D 293 -28.64 -26.25 34.69
N LEU D 294 -29.01 -25.00 34.36
CA LEU D 294 -29.49 -24.08 35.39
C LEU D 294 -30.78 -24.60 36.03
N GLY D 295 -31.71 -25.07 35.21
CA GLY D 295 -32.94 -25.63 35.75
C GLY D 295 -32.79 -27.04 36.27
N TRP D 296 -31.85 -27.80 35.72
CA TRP D 296 -31.62 -29.17 36.14
C TRP D 296 -30.14 -29.47 36.26
N PRO D 305 -27.48 -44.31 31.93
CA PRO D 305 -26.12 -44.08 32.46
C PRO D 305 -25.03 -44.43 31.46
N ASP D 306 -25.16 -45.58 30.79
CA ASP D 306 -24.20 -46.00 29.78
C ASP D 306 -24.40 -45.27 28.45
N ALA D 307 -25.56 -44.68 28.23
CA ALA D 307 -25.83 -43.83 27.08
C ALA D 307 -26.42 -42.53 27.56
N CYS D 308 -25.84 -41.42 27.12
CA CYS D 308 -26.19 -40.08 27.60
C CYS D 308 -26.55 -39.21 26.41
N THR D 309 -27.73 -38.60 26.48
CA THR D 309 -28.26 -37.76 25.41
C THR D 309 -28.77 -36.45 25.97
N ILE D 310 -29.02 -35.49 25.08
CA ILE D 310 -29.59 -34.20 25.47
C ILE D 310 -31.02 -34.42 25.95
N SER D 311 -31.44 -33.58 26.91
CA SER D 311 -32.80 -33.65 27.44
C SER D 311 -33.82 -33.52 26.32
N LYS D 312 -34.84 -34.37 26.36
CA LYS D 312 -35.84 -34.45 25.31
C LYS D 312 -37.14 -33.71 25.66
N ASP D 313 -37.08 -32.73 26.55
CA ASP D 313 -38.26 -31.94 26.86
C ASP D 313 -38.74 -31.19 25.62
N HIS D 314 -40.05 -31.21 25.39
CA HIS D 314 -40.60 -30.62 24.18
C HIS D 314 -40.35 -29.11 24.15
N GLY D 315 -40.58 -28.43 25.28
CA GLY D 315 -40.34 -27.00 25.32
C GLY D 315 -38.88 -26.64 25.11
N TYR D 316 -37.99 -27.34 25.80
CA TYR D 316 -36.56 -27.09 25.63
C TYR D 316 -36.10 -27.39 24.21
N THR D 317 -36.58 -28.50 23.64
CA THR D 317 -36.20 -28.84 22.28
C THR D 317 -36.67 -27.78 21.29
N ILE D 318 -37.92 -27.33 21.44
CA ILE D 318 -38.44 -26.29 20.56
C ILE D 318 -37.62 -25.01 20.70
N TYR D 319 -37.34 -24.61 21.94
CA TYR D 319 -36.57 -23.39 22.17
C TYR D 319 -35.18 -23.50 21.55
N SER D 320 -34.50 -24.63 21.74
CA SER D 320 -33.15 -24.79 21.21
C SER D 320 -33.15 -24.78 19.69
N THR D 321 -34.06 -25.53 19.06
CA THR D 321 -34.10 -25.58 17.61
C THR D 321 -34.45 -24.23 17.01
N PHE D 322 -35.40 -23.51 17.62
CA PHE D 322 -35.81 -22.22 17.07
C PHE D 322 -34.74 -21.16 17.26
N GLY D 323 -34.16 -21.07 18.45
CA GLY D 323 -33.16 -20.04 18.70
C GLY D 323 -31.75 -20.37 18.26
N ALA D 324 -31.50 -21.59 17.81
CA ALA D 324 -30.17 -22.01 17.39
C ALA D 324 -30.02 -22.17 15.88
N PHE D 325 -31.03 -22.71 15.20
CA PHE D 325 -30.92 -22.94 13.77
C PHE D 325 -31.98 -22.23 12.94
N TYR D 326 -33.25 -22.33 13.32
CA TYR D 326 -34.33 -21.88 12.43
C TYR D 326 -34.33 -20.36 12.27
N ILE D 327 -34.28 -19.63 13.38
CA ILE D 327 -34.26 -18.16 13.30
C ILE D 327 -33.01 -17.65 12.58
N PRO D 328 -31.79 -18.08 12.91
CA PRO D 328 -30.63 -17.65 12.11
C PRO D 328 -30.71 -18.08 10.65
N LEU D 329 -31.29 -19.25 10.36
CA LEU D 329 -31.45 -19.66 8.97
C LEU D 329 -32.36 -18.71 8.21
N LEU D 330 -33.50 -18.35 8.84
CA LEU D 330 -34.42 -17.41 8.19
C LEU D 330 -33.77 -16.05 8.00
N LEU D 331 -33.05 -15.56 9.01
CA LEU D 331 -32.38 -14.27 8.88
C LEU D 331 -31.33 -14.29 7.79
N MET D 332 -30.54 -15.37 7.73
CA MET D 332 -29.52 -15.50 6.69
C MET D 332 -30.15 -15.56 5.31
N LEU D 333 -31.26 -16.30 5.17
CA LEU D 333 -31.94 -16.38 3.87
C LEU D 333 -32.46 -15.02 3.44
N VAL D 334 -33.09 -14.27 4.36
CA VAL D 334 -33.63 -12.96 4.02
C VAL D 334 -32.50 -12.01 3.63
N LEU D 335 -31.42 -11.99 4.43
CA LEU D 335 -30.30 -11.10 4.15
C LEU D 335 -29.65 -11.43 2.81
N TYR D 336 -29.45 -12.72 2.52
CA TYR D 336 -28.82 -13.09 1.26
C TYR D 336 -29.74 -12.85 0.07
N GLY D 337 -31.06 -12.97 0.25
CA GLY D 337 -31.97 -12.60 -0.80
C GLY D 337 -31.91 -11.11 -1.11
N ARG D 338 -31.87 -10.28 -0.06
CA ARG D 338 -31.72 -8.84 -0.28
C ARG D 338 -30.39 -8.52 -0.95
N ILE D 339 -29.32 -9.21 -0.54
CA ILE D 339 -28.01 -9.00 -1.15
C ILE D 339 -28.04 -9.39 -2.63
N PHE D 340 -28.69 -10.50 -2.95
CA PHE D 340 -28.80 -10.92 -4.34
C PHE D 340 -29.60 -9.92 -5.16
N ARG D 341 -30.69 -9.38 -4.60
CA ARG D 341 -31.46 -8.37 -5.30
C ARG D 341 -30.62 -7.12 -5.57
N ALA D 342 -29.87 -6.68 -4.56
CA ALA D 342 -29.02 -5.50 -4.75
C ALA D 342 -27.93 -5.76 -5.78
N ALA D 343 -27.32 -6.95 -5.75
CA ALA D 343 -26.29 -7.28 -6.72
C ALA D 343 -26.85 -7.32 -8.14
N ARG D 344 -28.04 -7.89 -8.31
CA ARG D 344 -28.67 -7.89 -9.63
C ARG D 344 -28.97 -6.47 -10.09
N PHE D 345 -29.49 -5.64 -9.19
CA PHE D 345 -29.79 -4.25 -9.56
C PHE D 345 -28.54 -3.52 -9.99
N ARG D 346 -27.42 -3.74 -9.29
CA ARG D 346 -26.17 -3.10 -9.67
C ARG D 346 -25.61 -3.65 -10.97
N ILE D 347 -25.76 -4.96 -11.21
CA ILE D 347 -25.19 -5.57 -12.40
C ILE D 347 -25.95 -5.12 -13.66
N ARG D 348 -27.28 -5.18 -13.62
CA ARG D 348 -28.05 -4.78 -14.79
C ARG D 348 -27.88 -3.29 -15.10
N LYS D 349 -27.86 -2.46 -14.06
CA LYS D 349 -27.68 -1.03 -14.25
C LYS D 349 -26.27 -0.70 -14.73
N LYS D 445 -19.54 -2.01 -35.04
CA LYS D 445 -18.56 -1.50 -34.09
C LYS D 445 -19.14 -1.45 -32.68
N ASN D 446 -20.16 -0.60 -32.49
CA ASN D 446 -20.82 -0.52 -31.19
C ASN D 446 -21.58 -1.79 -30.85
N GLU D 447 -22.01 -2.57 -31.84
CA GLU D 447 -22.68 -3.83 -31.58
C GLU D 447 -21.76 -4.80 -30.87
N ARG D 448 -20.48 -4.83 -31.27
CA ARG D 448 -19.52 -5.70 -30.59
C ARG D 448 -19.34 -5.28 -29.13
N ASN D 449 -19.28 -3.96 -28.88
CA ASN D 449 -19.17 -3.48 -27.50
C ASN D 449 -20.39 -3.86 -26.68
N ALA D 450 -21.59 -3.73 -27.26
CA ALA D 450 -22.80 -4.12 -26.56
C ALA D 450 -22.82 -5.61 -26.25
N GLU D 451 -22.39 -6.43 -27.21
CA GLU D 451 -22.33 -7.87 -26.99
C GLU D 451 -21.33 -8.22 -25.90
N ALA D 452 -20.17 -7.56 -25.90
CA ALA D 452 -19.18 -7.79 -24.85
C ALA D 452 -19.72 -7.40 -23.49
N LYS D 453 -20.43 -6.27 -23.41
CA LYS D 453 -21.02 -5.85 -22.14
C LYS D 453 -22.05 -6.86 -21.65
N ARG D 454 -22.89 -7.36 -22.57
CA ARG D 454 -23.88 -8.36 -22.20
C ARG D 454 -23.21 -9.65 -21.73
N LYS D 455 -22.14 -10.06 -22.41
CA LYS D 455 -21.42 -11.26 -22.01
C LYS D 455 -20.80 -11.10 -20.62
N MET D 456 -20.20 -9.95 -20.35
CA MET D 456 -19.62 -9.70 -19.03
C MET D 456 -20.70 -9.68 -17.96
N ALA D 457 -21.85 -9.06 -18.25
CA ALA D 457 -22.94 -9.06 -17.28
C ALA D 457 -23.44 -10.47 -17.00
N LEU D 458 -23.57 -11.30 -18.05
CA LEU D 458 -23.99 -12.68 -17.86
C LEU D 458 -22.98 -13.46 -17.04
N ALA D 459 -21.69 -13.25 -17.29
CA ALA D 459 -20.65 -13.94 -16.53
C ALA D 459 -20.69 -13.53 -15.06
N ARG D 460 -20.87 -12.23 -14.78
CA ARG D 460 -20.98 -11.77 -13.40
C ARG D 460 -22.20 -12.36 -12.72
N GLU D 461 -23.33 -12.41 -13.44
CA GLU D 461 -24.54 -13.01 -12.87
C GLU D 461 -24.33 -14.49 -12.56
N ARG D 462 -23.68 -15.22 -13.47
CA ARG D 462 -23.42 -16.64 -13.24
C ARG D 462 -22.50 -16.83 -12.03
N LYS D 463 -21.46 -16.01 -11.92
CA LYS D 463 -20.55 -16.11 -10.78
C LYS D 463 -21.27 -15.82 -9.46
N THR D 464 -22.11 -14.78 -9.45
CA THR D 464 -22.85 -14.46 -8.23
C THR D 464 -23.81 -15.59 -7.86
N VAL D 465 -24.50 -16.15 -8.85
CA VAL D 465 -25.44 -17.24 -8.58
C VAL D 465 -24.69 -18.45 -8.04
N LYS D 466 -23.55 -18.78 -8.64
CA LYS D 466 -22.77 -19.93 -8.17
C LYS D 466 -22.29 -19.72 -6.74
N THR D 467 -21.78 -18.52 -6.43
CA THR D 467 -21.29 -18.25 -5.09
C THR D 467 -22.42 -18.34 -4.07
N LEU D 468 -23.56 -17.72 -4.35
CA LEU D 468 -24.68 -17.76 -3.43
C LEU D 468 -25.21 -19.18 -3.25
N GLY D 469 -25.30 -19.93 -4.35
CA GLY D 469 -25.76 -21.30 -4.25
C GLY D 469 -24.84 -22.17 -3.43
N ILE D 470 -23.53 -22.03 -3.61
CA ILE D 470 -22.58 -22.80 -2.83
C ILE D 470 -22.69 -22.44 -1.36
N ILE D 471 -22.74 -21.14 -1.05
CA ILE D 471 -22.78 -20.69 0.34
C ILE D 471 -24.03 -21.21 1.03
N MET D 472 -25.18 -21.12 0.35
CA MET D 472 -26.42 -21.59 0.97
C MET D 472 -26.45 -23.11 1.08
N GLY D 473 -26.04 -23.81 0.01
CA GLY D 473 -26.17 -25.26 -0.01
C GLY D 473 -25.26 -25.96 0.98
N THR D 474 -24.04 -25.44 1.16
CA THR D 474 -23.14 -26.05 2.14
C THR D 474 -23.76 -26.03 3.53
N PHE D 475 -24.23 -24.86 3.97
CA PHE D 475 -24.84 -24.75 5.29
C PHE D 475 -26.11 -25.59 5.39
N ILE D 476 -26.94 -25.58 4.34
CA ILE D 476 -28.18 -26.35 4.38
C ILE D 476 -27.89 -27.83 4.53
N LEU D 477 -27.09 -28.39 3.62
CA LEU D 477 -26.78 -29.81 3.67
C LEU D 477 -26.06 -30.19 4.95
N CYS D 478 -25.29 -29.25 5.53
CA CYS D 478 -24.57 -29.57 6.76
C CYS D 478 -25.52 -29.65 7.95
N TRP D 479 -26.44 -28.68 8.09
CA TRP D 479 -27.15 -28.53 9.35
C TRP D 479 -28.63 -28.85 9.31
N LEU D 480 -29.33 -28.61 8.19
CA LEU D 480 -30.78 -28.73 8.18
C LEU D 480 -31.28 -30.13 8.52
N PRO D 481 -30.79 -31.22 7.92
CA PRO D 481 -31.34 -32.55 8.27
C PRO D 481 -31.18 -32.90 9.74
N PHE D 482 -30.05 -32.53 10.35
CA PHE D 482 -29.84 -32.85 11.76
C PHE D 482 -30.86 -32.15 12.64
N PHE D 483 -31.14 -30.87 12.35
CA PHE D 483 -32.10 -30.14 13.16
C PHE D 483 -33.52 -30.63 12.91
N ILE D 484 -33.84 -31.03 11.68
CA ILE D 484 -35.14 -31.63 11.42
C ILE D 484 -35.31 -32.91 12.24
N VAL D 485 -34.28 -33.76 12.26
CA VAL D 485 -34.36 -34.99 13.03
C VAL D 485 -34.49 -34.69 14.52
N ALA D 486 -33.73 -33.73 15.01
CA ALA D 486 -33.76 -33.39 16.44
C ALA D 486 -35.11 -32.79 16.82
N LEU D 487 -35.77 -32.11 15.88
CA LEU D 487 -37.11 -31.57 16.16
C LEU D 487 -38.19 -32.65 16.09
N VAL D 488 -38.05 -33.62 15.19
CA VAL D 488 -39.10 -34.61 14.99
C VAL D 488 -39.04 -35.73 16.02
N LEU D 489 -37.84 -36.19 16.39
CA LEU D 489 -37.73 -37.38 17.23
C LEU D 489 -38.47 -37.27 18.57
N PRO D 490 -38.29 -36.21 19.37
CA PRO D 490 -38.95 -36.20 20.69
C PRO D 490 -40.47 -36.20 20.64
N PHE D 491 -41.06 -35.76 19.53
CA PHE D 491 -42.51 -35.63 19.44
C PHE D 491 -43.20 -36.92 18.99
N CYS D 492 -42.44 -37.96 18.64
CA CYS D 492 -43.02 -39.25 18.24
C CYS D 492 -42.17 -40.34 18.88
N GLU D 493 -42.57 -40.77 20.08
CA GLU D 493 -41.84 -41.82 20.77
C GLU D 493 -42.13 -43.19 20.18
N SER D 494 -43.24 -43.34 19.46
CA SER D 494 -43.62 -44.62 18.89
C SER D 494 -42.95 -44.91 17.55
N SER D 495 -42.25 -43.93 16.97
CA SER D 495 -41.57 -44.11 15.69
C SER D 495 -40.06 -43.92 15.80
N CYS D 496 -39.50 -44.15 16.99
CA CYS D 496 -38.05 -44.00 17.20
C CYS D 496 -37.33 -45.30 16.85
N HIS D 497 -37.52 -45.74 15.60
CA HIS D 497 -36.90 -46.93 15.07
C HIS D 497 -35.80 -46.59 14.06
N MET D 498 -35.30 -45.36 14.11
CA MET D 498 -34.29 -44.93 13.16
C MET D 498 -32.97 -45.67 13.41
N PRO D 499 -32.24 -46.01 12.35
CA PRO D 499 -31.01 -46.78 12.54
C PRO D 499 -29.87 -45.94 13.12
N THR D 500 -28.92 -46.64 13.74
CA THR D 500 -27.76 -45.97 14.29
C THR D 500 -26.84 -45.44 13.20
N LEU D 501 -26.75 -46.16 12.07
CA LEU D 501 -25.89 -45.72 10.97
C LEU D 501 -26.33 -44.37 10.44
N LEU D 502 -27.63 -44.20 10.24
CA LEU D 502 -28.14 -42.92 9.74
C LEU D 502 -27.86 -41.80 10.73
N GLY D 503 -28.04 -42.06 12.02
CA GLY D 503 -27.75 -41.05 13.02
C GLY D 503 -26.29 -40.65 13.05
N ALA D 504 -25.39 -41.63 12.97
CA ALA D 504 -23.97 -41.32 12.93
C ALA D 504 -23.61 -40.53 11.68
N ILE D 505 -24.17 -40.92 10.53
CA ILE D 505 -23.90 -40.19 9.29
C ILE D 505 -24.37 -38.74 9.42
N ILE D 506 -25.57 -38.54 9.95
CA ILE D 506 -26.11 -37.20 10.10
C ILE D 506 -25.27 -36.37 11.06
N ASN D 507 -24.87 -36.97 12.19
CA ASN D 507 -24.10 -36.24 13.17
C ASN D 507 -22.74 -35.82 12.62
N TRP D 508 -22.06 -36.73 11.91
CA TRP D 508 -20.75 -36.39 11.38
C TRP D 508 -20.85 -35.43 10.20
N LEU D 509 -21.93 -35.51 9.41
CA LEU D 509 -22.16 -34.53 8.36
C LEU D 509 -22.37 -33.14 8.96
N GLY D 510 -23.10 -33.06 10.07
CA GLY D 510 -23.26 -31.79 10.75
C GLY D 510 -21.96 -31.27 11.33
N TYR D 511 -21.15 -32.17 11.90
CA TYR D 511 -19.87 -31.76 12.46
C TYR D 511 -18.89 -31.32 11.38
N SER D 512 -19.03 -31.85 10.16
CA SER D 512 -18.13 -31.49 9.08
C SER D 512 -18.27 -30.03 8.67
N ASN D 513 -19.35 -29.36 9.08
CA ASN D 513 -19.50 -27.93 8.79
C ASN D 513 -18.38 -27.12 9.43
N SER D 514 -17.85 -27.56 10.57
CA SER D 514 -16.78 -26.83 11.24
C SER D 514 -15.54 -26.73 10.36
N LEU D 515 -15.18 -27.81 9.68
CA LEU D 515 -14.05 -27.78 8.76
C LEU D 515 -14.42 -27.27 7.37
N LEU D 516 -15.69 -27.35 6.99
CA LEU D 516 -16.10 -26.85 5.68
C LEU D 516 -16.20 -25.32 5.66
N ASN D 517 -16.48 -24.70 6.80
CA ASN D 517 -16.63 -23.25 6.84
C ASN D 517 -15.36 -22.50 6.42
N PRO D 518 -14.16 -22.82 6.92
CA PRO D 518 -12.98 -22.07 6.47
C PRO D 518 -12.72 -22.20 4.97
N VAL D 519 -13.04 -23.35 4.36
CA VAL D 519 -12.81 -23.52 2.94
C VAL D 519 -13.67 -22.55 2.14
N ILE D 520 -14.95 -22.44 2.51
CA ILE D 520 -15.86 -21.56 1.79
C ILE D 520 -15.56 -20.10 2.09
N TYR D 521 -15.25 -19.77 3.34
CA TYR D 521 -15.16 -18.38 3.77
C TYR D 521 -13.75 -17.82 3.78
N ALA D 522 -12.71 -18.66 3.86
CA ALA D 522 -11.34 -18.17 3.93
C ALA D 522 -10.50 -18.64 2.74
N TYR D 523 -10.49 -19.94 2.45
CA TYR D 523 -9.64 -20.46 1.38
C TYR D 523 -10.09 -20.03 -0.01
N PHE D 524 -11.29 -19.47 -0.14
CA PHE D 524 -11.79 -19.04 -1.44
C PHE D 524 -11.53 -17.56 -1.72
N ASN D 525 -10.83 -16.86 -0.84
CA ASN D 525 -10.53 -15.45 -1.03
C ASN D 525 -9.20 -15.30 -1.77
N LYS D 526 -9.18 -14.37 -2.73
CA LYS D 526 -7.96 -14.10 -3.55
C LYS D 526 -6.84 -13.55 -2.66
N ASP D 527 -7.18 -12.64 -1.73
CA ASP D 527 -6.17 -12.06 -0.86
C ASP D 527 -5.66 -13.06 0.16
N PHE D 528 -6.54 -13.96 0.62
CA PHE D 528 -6.12 -14.95 1.61
C PHE D 528 -5.14 -15.97 1.00
N GLN D 529 -5.42 -16.44 -0.21
CA GLN D 529 -4.48 -17.35 -0.87
C GLN D 529 -3.21 -16.63 -1.29
N ASN D 530 -3.32 -15.34 -1.62
CA ASN D 530 -2.11 -14.56 -1.88
C ASN D 530 -1.25 -14.46 -0.63
N ALA D 531 -1.86 -14.26 0.54
CA ALA D 531 -1.12 -14.26 1.78
C ALA D 531 -0.49 -15.62 2.05
N PHE D 532 -1.21 -16.70 1.75
CA PHE D 532 -0.64 -18.04 1.91
C PHE D 532 0.58 -18.23 1.02
N LYS D 533 0.49 -17.78 -0.23
CA LYS D 533 1.64 -17.86 -1.12
C LYS D 533 2.80 -16.99 -0.61
N LYS D 534 2.46 -15.84 -0.01
CA LYS D 534 3.48 -14.98 0.59
C LYS D 534 4.19 -15.69 1.74
N ILE D 535 3.45 -16.49 2.51
CA ILE D 535 4.06 -17.24 3.61
C ILE D 535 5.11 -18.20 3.09
N ILE D 536 4.78 -18.93 2.01
CA ILE D 536 5.72 -19.86 1.41
C ILE D 536 6.72 -19.11 0.54
#